data_1HT8
#
_entry.id   1HT8
#
_cell.length_a   99.149
_cell.length_b   208.450
_cell.length_c   222.399
_cell.angle_alpha   90.00
_cell.angle_beta   90.00
_cell.angle_gamma   90.00
#
_symmetry.space_group_name_H-M   'I 2 2 2'
#
loop_
_entity.id
_entity.type
_entity.pdbx_description
1 polymer 'PROSTAGLANDIN H2 SYNTHASE-1'
2 non-polymer 2-acetamido-2-deoxy-beta-D-glucopyranose
3 non-polymer 'octyl beta-D-glucopyranoside'
4 non-polymer 'PROTOPORPHYRIN IX CONTAINING FE'
5 non-polymer '(3-CHLORO-4-PROPOXY-PHENYL)-ACETIC ACID'
6 water water
#
_entity_poly.entity_id   1
_entity_poly.type   'polypeptide(L)'
_entity_poly.pdbx_seq_one_letter_code
;VNPCCYYPCQHQGICVRFGLDRYQCDCTRTGYSGPNCTIPEIWTWLRTTLRPSPSFIHFLLTHGRWLWDFVNATFIRDTL
MRLVLTVRSNLIPSPPTYNIAHDYISWESFSNVSYYTRILPSVPRDCPTPMGTKGKKQLPDAEFLSRRFLLRRKFIPDPQ
GTNLMFAFFAQHFTHQFFKTSGKMGPGFTKALGHGVDLGHIYGDNLERQYQLRLFKDGKLKYQMLNGEVYPPSVEEAPVL
MHYPRGIPPQSQMAVGQEVFGLLPGLMLYATIWLREHNRVCDLLKAEHPTWGDEQLFQTARLILIGETIKIVIEEYVQQL
SGYFLQLKFDPELLFGAQFQYRNRIAMEFNQLYHWHPLMPDSFRVGPQDYSYEQFLFNTSMLVDYGVEALVDAFSRQPAG
RIGGGRNIDHHILHVAVDVIKESRVLRLQPFNEYRKRFGMKPYTSFQELTGEKEMAAELEELYGDIDALEFYPGLLLEKC
HPNSIFGESMIEMGAPFSLKGLLGNPICSPEYWKASTFGGEVGFNLVKTATLKKLVCLNTKTCPYVSFHVP
;
_entity_poly.pdbx_strand_id   A,B
#
loop_
_chem_comp.id
_chem_comp.type
_chem_comp.name
_chem_comp.formula
34C non-polymer '(3-CHLORO-4-PROPOXY-PHENYL)-ACETIC ACID' 'C11 H13 Cl O3'
BOG D-saccharide 'octyl beta-D-glucopyranoside' 'C14 H28 O6'
HEM non-polymer 'PROTOPORPHYRIN IX CONTAINING FE' 'C34 H32 Fe N4 O4'
NAG D-saccharide, beta linking 2-acetamido-2-deoxy-beta-D-glucopyranose 'C8 H15 N O6'
#
# COMPACT_ATOMS: atom_id res chain seq x y z
N VAL A 1 -17.22 3.54 35.34
CA VAL A 1 -16.68 2.62 34.29
C VAL A 1 -16.22 3.39 33.06
N ASN A 2 -15.44 2.72 32.22
CA ASN A 2 -14.94 3.29 30.98
C ASN A 2 -16.12 3.62 30.05
N PRO A 3 -16.36 4.90 29.79
CA PRO A 3 -17.47 5.32 28.93
C PRO A 3 -17.56 4.65 27.55
N CYS A 4 -16.42 4.31 26.95
CA CYS A 4 -16.47 3.68 25.63
C CYS A 4 -17.05 2.27 25.65
N CYS A 5 -17.21 1.70 26.84
CA CYS A 5 -17.77 0.36 26.95
C CYS A 5 -19.24 0.38 26.56
N TYR A 6 -19.84 1.57 26.46
CA TYR A 6 -21.24 1.66 26.08
C TYR A 6 -21.40 1.90 24.59
N TYR A 7 -20.28 1.93 23.87
CA TYR A 7 -20.31 2.16 22.43
C TYR A 7 -21.20 3.37 22.15
N PRO A 8 -21.00 4.47 22.92
CA PRO A 8 -21.81 5.67 22.75
C PRO A 8 -21.80 6.23 21.34
N CYS A 9 -20.62 6.27 20.72
CA CYS A 9 -20.50 6.83 19.36
C CYS A 9 -21.19 6.02 18.27
N GLN A 10 -22.17 6.65 17.62
CA GLN A 10 -22.93 6.02 16.55
C GLN A 10 -22.37 6.34 15.16
N HIS A 11 -22.94 5.66 14.16
CA HIS A 11 -22.58 5.83 12.76
C HIS A 11 -21.10 6.02 12.43
N GLN A 12 -20.27 5.14 12.97
CA GLN A 12 -18.83 5.14 12.75
C GLN A 12 -18.04 6.23 13.47
N GLY A 13 -18.70 6.92 14.39
CA GLY A 13 -18.02 7.94 15.17
C GLY A 13 -17.02 7.22 16.06
N ILE A 14 -15.91 7.90 16.36
CA ILE A 14 -14.82 7.33 17.15
C ILE A 14 -14.80 7.75 18.61
N CYS A 15 -14.89 6.77 19.51
CA CYS A 15 -14.89 7.02 20.96
C CYS A 15 -13.48 7.24 21.48
N VAL A 16 -13.23 8.42 22.03
CA VAL A 16 -11.92 8.69 22.61
C VAL A 16 -12.06 9.12 24.07
N ARG A 17 -11.16 8.60 24.90
CA ARG A 17 -11.15 8.87 26.33
C ARG A 17 -10.44 10.18 26.60
N PHE A 18 -11.07 11.06 27.37
CA PHE A 18 -10.46 12.34 27.72
C PHE A 18 -10.58 12.48 29.23
N GLY A 19 -9.51 12.97 29.87
CA GLY A 19 -9.54 13.11 31.30
C GLY A 19 -9.64 11.75 31.95
N LEU A 20 -9.97 11.73 33.25
CA LEU A 20 -10.07 10.47 33.96
C LEU A 20 -11.35 9.67 33.74
N ASP A 21 -12.41 10.33 33.31
CA ASP A 21 -13.66 9.62 33.10
C ASP A 21 -14.54 10.06 31.93
N ARG A 22 -14.18 11.15 31.26
CA ARG A 22 -14.99 11.61 30.12
C ARG A 22 -14.71 10.84 28.83
N TYR A 23 -15.30 11.32 27.74
CA TYR A 23 -15.12 10.71 26.43
C TYR A 23 -15.66 11.69 25.40
N GLN A 24 -15.27 11.49 24.14
CA GLN A 24 -15.76 12.33 23.05
C GLN A 24 -15.89 11.48 21.80
N CYS A 25 -16.83 11.85 20.94
CA CYS A 25 -17.04 11.15 19.69
C CYS A 25 -16.62 12.02 18.53
N ASP A 26 -15.63 11.55 17.77
CA ASP A 26 -15.19 12.29 16.61
C ASP A 26 -16.16 11.84 15.52
N CYS A 27 -17.10 12.72 15.18
CA CYS A 27 -18.12 12.44 14.18
C CYS A 27 -17.73 12.91 12.80
N THR A 28 -16.47 13.31 12.65
CA THR A 28 -16.00 13.79 11.36
C THR A 28 -16.46 12.94 10.18
N ARG A 29 -17.04 13.61 9.18
CA ARG A 29 -17.51 12.97 7.95
C ARG A 29 -18.41 11.75 8.10
N THR A 30 -19.19 11.69 9.16
CA THR A 30 -20.10 10.56 9.38
C THR A 30 -21.49 10.89 8.87
N GLY A 31 -21.73 12.17 8.61
CA GLY A 31 -23.04 12.59 8.13
C GLY A 31 -23.93 12.99 9.30
N TYR A 32 -23.38 12.86 10.52
CA TYR A 32 -24.09 13.22 11.76
C TYR A 32 -23.24 14.11 12.65
N SER A 33 -23.89 14.73 13.64
CA SER A 33 -23.22 15.59 14.60
C SER A 33 -23.85 15.32 15.97
N GLY A 34 -23.46 16.09 16.98
CA GLY A 34 -24.01 15.87 18.31
C GLY A 34 -23.04 15.02 19.13
N PRO A 35 -23.22 14.93 20.45
CA PRO A 35 -22.34 14.15 21.33
C PRO A 35 -22.00 12.73 20.86
N ASN A 36 -23.01 11.98 20.41
CA ASN A 36 -22.78 10.61 19.96
C ASN A 36 -22.96 10.42 18.46
N CYS A 37 -22.94 11.50 17.71
CA CYS A 37 -23.09 11.42 16.26
C CYS A 37 -24.46 10.80 15.91
N THR A 38 -25.52 11.41 16.43
CA THR A 38 -26.87 10.92 16.16
C THR A 38 -27.74 11.92 15.42
N ILE A 39 -27.34 13.20 15.41
CA ILE A 39 -28.10 14.25 14.74
C ILE A 39 -27.78 14.26 13.25
N PRO A 40 -28.67 13.67 12.44
CA PRO A 40 -28.49 13.58 10.98
C PRO A 40 -28.53 14.87 10.20
N GLU A 41 -27.66 14.96 9.20
CA GLU A 41 -27.62 16.10 8.31
C GLU A 41 -28.82 15.90 7.39
N ILE A 42 -29.14 16.90 6.59
CA ILE A 42 -30.28 16.83 5.70
C ILE A 42 -30.19 15.67 4.68
N TRP A 43 -29.05 15.53 3.99
CA TRP A 43 -28.91 14.45 3.02
C TRP A 43 -28.77 13.11 3.71
N THR A 44 -28.16 13.10 4.88
CA THR A 44 -28.01 11.87 5.63
C THR A 44 -29.41 11.32 5.93
N TRP A 45 -30.27 12.20 6.41
CA TRP A 45 -31.64 11.86 6.78
C TRP A 45 -32.44 11.31 5.60
N LEU A 46 -32.42 12.00 4.47
CA LEU A 46 -33.16 11.53 3.29
C LEU A 46 -32.73 10.14 2.87
N ARG A 47 -31.43 9.96 2.80
CA ARG A 47 -30.85 8.69 2.40
C ARG A 47 -31.26 7.53 3.31
N THR A 48 -31.27 7.74 4.62
CA THR A 48 -31.63 6.64 5.52
C THR A 48 -33.13 6.36 5.55
N THR A 49 -33.97 7.35 5.24
CA THR A 49 -35.40 7.10 5.27
C THR A 49 -35.93 6.63 3.91
N LEU A 50 -35.17 6.89 2.84
CA LEU A 50 -35.57 6.46 1.52
C LEU A 50 -34.92 5.15 1.11
N ARG A 51 -33.96 4.68 1.90
CA ARG A 51 -33.28 3.44 1.57
C ARG A 51 -34.11 2.21 1.94
N PRO A 52 -34.50 1.41 0.93
CA PRO A 52 -35.29 0.22 1.23
C PRO A 52 -34.43 -0.73 2.06
N SER A 53 -35.05 -1.64 2.81
CA SER A 53 -34.27 -2.55 3.64
C SER A 53 -33.50 -3.60 2.85
N PRO A 54 -32.54 -4.29 3.50
CA PRO A 54 -31.79 -5.32 2.80
C PRO A 54 -32.73 -6.39 2.23
N SER A 55 -33.69 -6.80 3.04
CA SER A 55 -34.66 -7.83 2.63
C SER A 55 -35.40 -7.44 1.36
N PHE A 56 -35.76 -6.18 1.26
CA PHE A 56 -36.48 -5.73 0.09
C PHE A 56 -35.59 -5.74 -1.14
N ILE A 57 -34.36 -5.25 -1.02
CA ILE A 57 -33.46 -5.26 -2.18
C ILE A 57 -33.22 -6.70 -2.63
N HIS A 58 -32.94 -7.58 -1.66
CA HIS A 58 -32.69 -8.99 -1.95
C HIS A 58 -33.88 -9.60 -2.69
N PHE A 59 -35.08 -9.16 -2.33
CA PHE A 59 -36.31 -9.62 -2.96
C PHE A 59 -36.34 -9.16 -4.41
N LEU A 60 -36.07 -7.87 -4.62
CA LEU A 60 -36.04 -7.30 -5.95
C LEU A 60 -35.05 -8.02 -6.83
N LEU A 61 -33.89 -8.34 -6.27
CA LEU A 61 -32.83 -8.99 -7.03
C LEU A 61 -33.03 -10.47 -7.32
N THR A 62 -34.00 -11.11 -6.68
CA THR A 62 -34.23 -12.54 -6.90
C THR A 62 -35.63 -12.84 -7.44
N HIS A 63 -36.22 -11.85 -8.07
CA HIS A 63 -37.56 -11.98 -8.65
C HIS A 63 -37.64 -11.17 -9.93
N GLY A 64 -38.53 -11.57 -10.84
CA GLY A 64 -38.70 -10.85 -12.09
C GLY A 64 -37.61 -11.10 -13.12
N ARG A 65 -37.27 -12.37 -13.33
CA ARG A 65 -36.24 -12.75 -14.28
C ARG A 65 -36.38 -11.99 -15.60
N TRP A 66 -37.60 -11.95 -16.13
CA TRP A 66 -37.86 -11.27 -17.39
C TRP A 66 -37.36 -9.84 -17.42
N LEU A 67 -37.65 -9.09 -16.36
CA LEU A 67 -37.24 -7.70 -16.29
C LEU A 67 -35.72 -7.58 -16.19
N TRP A 68 -35.11 -8.49 -15.45
CA TRP A 68 -33.67 -8.48 -15.28
C TRP A 68 -32.93 -8.79 -16.56
N ASP A 69 -33.47 -9.69 -17.36
CA ASP A 69 -32.84 -10.02 -18.62
C ASP A 69 -32.80 -8.78 -19.49
N PHE A 70 -33.91 -8.05 -19.53
CA PHE A 70 -33.99 -6.83 -20.31
C PHE A 70 -32.91 -5.84 -19.85
N VAL A 71 -32.82 -5.67 -18.54
CA VAL A 71 -31.86 -4.78 -17.91
C VAL A 71 -30.41 -5.21 -18.12
N ASN A 72 -30.13 -6.50 -17.97
CA ASN A 72 -28.77 -6.99 -18.16
C ASN A 72 -28.25 -6.70 -19.56
N ALA A 73 -29.16 -6.54 -20.53
CA ALA A 73 -28.77 -6.27 -21.90
C ALA A 73 -28.55 -4.77 -22.17
N THR A 74 -28.76 -3.95 -21.14
CA THR A 74 -28.58 -2.51 -21.28
C THR A 74 -27.44 -1.97 -20.41
N PHE A 75 -27.23 -0.67 -20.50
CA PHE A 75 -26.18 0.00 -19.74
C PHE A 75 -26.53 0.03 -18.25
N ILE A 76 -27.79 -0.29 -17.92
CA ILE A 76 -28.23 -0.28 -16.54
C ILE A 76 -27.43 -1.30 -15.74
N ARG A 77 -27.04 -2.39 -16.40
CA ARG A 77 -26.22 -3.40 -15.76
C ARG A 77 -24.96 -2.72 -15.22
N ASP A 78 -24.36 -1.89 -16.07
CA ASP A 78 -23.16 -1.14 -15.68
C ASP A 78 -23.43 -0.14 -14.57
N THR A 79 -24.60 0.47 -14.58
CA THR A 79 -24.94 1.44 -13.55
C THR A 79 -25.11 0.76 -12.20
N LEU A 80 -25.88 -0.33 -12.16
CA LEU A 80 -26.10 -1.05 -10.92
C LEU A 80 -24.82 -1.70 -10.38
N MET A 81 -24.00 -2.28 -11.26
CA MET A 81 -22.77 -2.92 -10.82
C MET A 81 -21.83 -1.92 -10.16
N ARG A 82 -21.69 -0.75 -10.77
CA ARG A 82 -20.84 0.30 -10.22
C ARG A 82 -21.38 0.74 -8.87
N LEU A 83 -22.71 0.76 -8.77
CA LEU A 83 -23.37 1.16 -7.54
C LEU A 83 -23.03 0.18 -6.42
N VAL A 84 -23.22 -1.10 -6.72
CA VAL A 84 -22.94 -2.17 -5.76
C VAL A 84 -21.48 -2.09 -5.32
N LEU A 85 -20.59 -1.93 -6.29
CA LEU A 85 -19.16 -1.85 -6.00
C LEU A 85 -18.80 -0.67 -5.10
N THR A 86 -19.31 0.52 -5.40
CA THR A 86 -18.97 1.70 -4.60
C THR A 86 -19.65 1.76 -3.23
N VAL A 87 -20.95 1.49 -3.17
CA VAL A 87 -21.67 1.54 -1.91
C VAL A 87 -21.18 0.45 -0.95
N ARG A 88 -21.05 -0.76 -1.47
CA ARG A 88 -20.59 -1.90 -0.71
C ARG A 88 -19.18 -1.58 -0.16
N SER A 89 -18.31 -1.10 -1.04
CA SER A 89 -16.92 -0.77 -0.68
C SER A 89 -16.73 0.35 0.32
N ASN A 90 -17.54 1.41 0.25
CA ASN A 90 -17.38 2.52 1.17
C ASN A 90 -17.50 2.10 2.63
N LEU A 91 -18.00 0.90 2.88
CA LEU A 91 -18.13 0.42 4.26
C LEU A 91 -16.81 -0.08 4.82
N ILE A 92 -15.77 -0.15 3.99
CA ILE A 92 -14.47 -0.67 4.44
C ILE A 92 -13.42 0.42 4.47
N PRO A 93 -12.80 0.65 5.64
CA PRO A 93 -11.78 1.69 5.76
C PRO A 93 -10.53 1.41 4.93
N SER A 94 -10.11 2.40 4.17
CA SER A 94 -8.92 2.29 3.34
C SER A 94 -8.28 3.68 3.24
N PRO A 95 -7.06 3.86 3.76
CA PRO A 95 -6.20 2.89 4.45
C PRO A 95 -6.83 2.25 5.68
N PRO A 96 -6.32 1.08 6.10
CA PRO A 96 -6.84 0.36 7.26
C PRO A 96 -6.67 1.12 8.58
N THR A 97 -7.49 0.79 9.57
CA THR A 97 -7.45 1.45 10.86
C THR A 97 -6.76 0.69 12.00
N TYR A 98 -7.52 -0.14 12.70
CA TYR A 98 -7.02 -0.86 13.86
C TYR A 98 -6.56 -2.29 13.67
N ASN A 99 -5.78 -2.78 14.64
CA ASN A 99 -5.31 -4.17 14.64
C ASN A 99 -5.41 -4.71 16.08
N ILE A 100 -4.90 -5.91 16.31
CA ILE A 100 -5.00 -6.52 17.65
C ILE A 100 -4.26 -5.79 18.77
N ALA A 101 -3.37 -4.87 18.42
CA ALA A 101 -2.60 -4.16 19.42
C ALA A 101 -3.01 -2.70 19.54
N HIS A 102 -3.56 -2.14 18.47
CA HIS A 102 -3.96 -0.75 18.55
C HIS A 102 -5.42 -0.50 18.24
N ASP A 103 -6.19 -0.13 19.26
CA ASP A 103 -7.58 0.19 19.05
C ASP A 103 -7.66 1.68 18.67
N TYR A 104 -6.76 2.09 17.78
CA TYR A 104 -6.68 3.46 17.31
C TYR A 104 -5.73 3.51 16.12
N ILE A 105 -5.79 4.56 15.32
CA ILE A 105 -4.92 4.65 14.15
C ILE A 105 -3.49 4.94 14.57
N SER A 106 -2.54 4.23 13.95
CA SER A 106 -1.13 4.42 14.27
C SER A 106 -0.27 4.04 13.08
N TRP A 107 0.94 4.58 13.04
CA TRP A 107 1.82 4.26 11.95
C TRP A 107 2.21 2.79 11.95
N GLU A 108 2.28 2.18 13.14
CA GLU A 108 2.62 0.77 13.20
C GLU A 108 1.50 -0.04 12.54
N SER A 109 0.26 0.33 12.82
CA SER A 109 -0.86 -0.39 12.24
C SER A 109 -0.92 -0.24 10.73
N PHE A 110 -0.52 0.92 10.22
CA PHE A 110 -0.55 1.13 8.77
C PHE A 110 0.55 0.40 7.99
N SER A 111 1.75 0.30 8.56
CA SER A 111 2.84 -0.33 7.83
C SER A 111 3.09 -1.80 8.11
N ASN A 112 2.73 -2.24 9.30
CA ASN A 112 2.95 -3.61 9.70
C ASN A 112 1.96 -4.65 9.19
N VAL A 113 2.18 -5.13 7.97
CA VAL A 113 1.27 -6.10 7.35
C VAL A 113 1.23 -7.49 7.95
N SER A 114 1.85 -7.69 9.10
CA SER A 114 1.77 -9.02 9.73
C SER A 114 0.54 -9.05 10.62
N TYR A 115 -0.14 -7.91 10.73
CA TYR A 115 -1.35 -7.80 11.53
C TYR A 115 -2.56 -7.88 10.62
N TYR A 116 -3.64 -8.48 11.10
CA TYR A 116 -4.89 -8.48 10.37
C TYR A 116 -5.40 -7.13 10.85
N THR A 117 -6.29 -6.52 10.11
CA THR A 117 -6.83 -5.25 10.56
C THR A 117 -8.17 -5.60 11.21
N ARG A 118 -8.90 -4.60 11.68
CA ARG A 118 -10.20 -4.86 12.27
C ARG A 118 -11.10 -3.65 12.01
N ILE A 119 -12.40 -3.89 11.81
CA ILE A 119 -13.32 -2.79 11.53
C ILE A 119 -13.78 -2.07 12.79
N LEU A 120 -14.08 -2.83 13.84
CA LEU A 120 -14.49 -2.19 15.09
C LEU A 120 -13.38 -2.40 16.11
N PRO A 121 -13.12 -1.39 16.95
CA PRO A 121 -12.06 -1.58 17.95
C PRO A 121 -12.49 -2.70 18.89
N SER A 122 -11.53 -3.35 19.53
CA SER A 122 -11.86 -4.44 20.44
C SER A 122 -12.73 -3.94 21.59
N VAL A 123 -13.24 -4.89 22.38
CA VAL A 123 -14.03 -4.54 23.56
C VAL A 123 -12.97 -4.12 24.56
N PRO A 124 -13.04 -2.90 25.08
CA PRO A 124 -12.02 -2.48 26.05
C PRO A 124 -11.82 -3.51 27.16
N ARG A 125 -10.56 -3.82 27.49
CA ARG A 125 -10.25 -4.80 28.53
C ARG A 125 -10.81 -4.51 29.92
N ASP A 126 -11.17 -3.26 30.19
CA ASP A 126 -11.69 -2.90 31.50
C ASP A 126 -13.19 -2.64 31.54
N CYS A 127 -13.96 -3.43 30.81
CA CYS A 127 -15.40 -3.25 30.79
C CYS A 127 -16.09 -4.20 31.77
N PRO A 128 -17.27 -3.80 32.28
CA PRO A 128 -18.03 -4.62 33.23
C PRO A 128 -18.19 -6.08 32.80
N THR A 129 -18.46 -6.29 31.52
CA THR A 129 -18.64 -7.65 31.02
C THR A 129 -17.75 -7.92 29.82
N PRO A 130 -17.60 -9.20 29.44
CA PRO A 130 -16.76 -9.60 28.30
C PRO A 130 -17.19 -8.94 27.00
N MET A 131 -18.50 -8.68 26.88
CA MET A 131 -19.03 -8.07 25.68
C MET A 131 -19.19 -6.56 25.81
N GLY A 132 -18.79 -6.03 26.95
CA GLY A 132 -18.89 -4.60 27.16
C GLY A 132 -19.69 -4.18 28.37
N THR A 133 -21.00 -4.18 28.24
CA THR A 133 -21.88 -3.75 29.32
C THR A 133 -23.09 -4.66 29.52
N LYS A 134 -23.40 -5.45 28.51
CA LYS A 134 -24.55 -6.35 28.58
C LYS A 134 -24.13 -7.81 28.73
N GLY A 135 -25.08 -8.67 29.05
CA GLY A 135 -24.80 -10.07 29.20
C GLY A 135 -24.26 -10.43 30.57
N LYS A 136 -23.80 -11.68 30.71
CA LYS A 136 -23.27 -12.17 31.97
C LYS A 136 -21.77 -11.94 32.10
N LYS A 137 -21.28 -11.97 33.33
CA LYS A 137 -19.86 -11.76 33.59
C LYS A 137 -19.04 -12.84 32.88
N GLN A 138 -19.70 -13.92 32.49
CA GLN A 138 -19.05 -15.03 31.80
C GLN A 138 -19.85 -15.53 30.59
N LEU A 139 -19.17 -15.65 29.45
CA LEU A 139 -19.82 -16.11 28.23
C LEU A 139 -20.10 -17.61 28.22
N PRO A 140 -21.07 -18.03 27.40
CA PRO A 140 -21.43 -19.46 27.30
C PRO A 140 -20.24 -20.31 26.88
N ASP A 141 -20.14 -21.49 27.47
CA ASP A 141 -19.06 -22.42 27.15
C ASP A 141 -19.05 -22.62 25.64
N ALA A 142 -17.93 -22.28 25.00
CA ALA A 142 -17.80 -22.40 23.54
C ALA A 142 -18.21 -23.76 23.00
N GLU A 143 -17.76 -24.82 23.64
CA GLU A 143 -18.08 -26.15 23.15
C GLU A 143 -19.56 -26.52 23.29
N PHE A 144 -20.18 -26.12 24.39
CA PHE A 144 -21.58 -26.40 24.62
C PHE A 144 -22.40 -25.67 23.57
N LEU A 145 -22.02 -24.42 23.36
CA LEU A 145 -22.69 -23.56 22.40
C LEU A 145 -22.67 -24.22 21.03
N SER A 146 -21.49 -24.71 20.64
CA SER A 146 -21.34 -25.37 19.36
C SER A 146 -22.12 -26.68 19.26
N ARG A 147 -22.01 -27.52 20.29
CA ARG A 147 -22.73 -28.80 20.28
C ARG A 147 -24.24 -28.61 20.24
N ARG A 148 -24.72 -27.60 20.98
CA ARG A 148 -26.13 -27.27 21.06
C ARG A 148 -26.74 -26.59 19.82
N PHE A 149 -26.00 -25.72 19.14
CA PHE A 149 -26.58 -25.04 17.99
C PHE A 149 -25.87 -25.09 16.64
N LEU A 150 -24.70 -25.70 16.56
CA LEU A 150 -23.99 -25.76 15.30
C LEU A 150 -23.73 -27.16 14.80
N LEU A 151 -23.67 -28.12 15.72
CA LEU A 151 -23.42 -29.51 15.35
C LEU A 151 -24.51 -30.01 14.41
N ARG A 152 -24.12 -30.71 13.37
CA ARG A 152 -25.07 -31.25 12.40
C ARG A 152 -25.73 -32.53 12.94
N ARG A 153 -27.04 -32.62 12.76
CA ARG A 153 -27.78 -33.80 13.19
C ARG A 153 -28.10 -34.50 11.87
N LYS A 154 -28.92 -33.84 11.06
CA LYS A 154 -29.27 -34.36 9.74
C LYS A 154 -28.72 -33.38 8.71
N PHE A 155 -28.02 -33.89 7.69
CA PHE A 155 -27.45 -33.02 6.66
C PHE A 155 -28.49 -32.21 5.92
N ILE A 156 -28.31 -30.90 5.89
CA ILE A 156 -29.23 -29.98 5.22
C ILE A 156 -28.57 -29.43 3.95
N PRO A 157 -29.04 -29.86 2.78
CA PRO A 157 -28.46 -29.36 1.53
C PRO A 157 -28.74 -27.88 1.34
N ASP A 158 -27.86 -27.20 0.58
CA ASP A 158 -28.06 -25.79 0.31
C ASP A 158 -29.20 -25.64 -0.69
N PRO A 159 -30.24 -24.89 -0.32
CA PRO A 159 -31.36 -24.73 -1.23
C PRO A 159 -30.98 -24.08 -2.57
N GLN A 160 -29.93 -23.26 -2.59
CA GLN A 160 -29.54 -22.61 -3.84
C GLN A 160 -28.78 -23.54 -4.80
N GLY A 161 -28.66 -24.80 -4.42
CA GLY A 161 -27.99 -25.78 -5.28
C GLY A 161 -26.48 -25.72 -5.36
N THR A 162 -25.84 -25.07 -4.41
CA THR A 162 -24.38 -24.96 -4.37
C THR A 162 -23.78 -26.35 -4.19
N ASN A 163 -22.71 -26.65 -4.93
CA ASN A 163 -22.07 -27.97 -4.82
C ASN A 163 -20.70 -27.94 -4.14
N LEU A 164 -20.03 -29.08 -4.09
CA LEU A 164 -18.72 -29.15 -3.45
C LEU A 164 -17.62 -28.50 -4.28
N MET A 165 -17.84 -28.39 -5.59
CA MET A 165 -16.86 -27.76 -6.48
C MET A 165 -16.73 -26.30 -6.01
N PHE A 166 -17.88 -25.72 -5.65
CA PHE A 166 -17.91 -24.36 -5.15
C PHE A 166 -17.26 -24.32 -3.77
N ALA A 167 -17.62 -25.29 -2.93
CA ALA A 167 -17.09 -25.39 -1.57
C ALA A 167 -15.57 -25.47 -1.51
N PHE A 168 -14.96 -26.25 -2.39
CA PHE A 168 -13.51 -26.36 -2.38
C PHE A 168 -12.85 -25.13 -3.00
N PHE A 169 -13.52 -24.52 -3.97
CA PHE A 169 -12.99 -23.31 -4.59
C PHE A 169 -12.91 -22.28 -3.47
N ALA A 170 -14.00 -22.11 -2.74
CA ALA A 170 -14.06 -21.16 -1.62
C ALA A 170 -12.90 -21.36 -0.63
N GLN A 171 -12.69 -22.60 -0.21
CA GLN A 171 -11.61 -22.92 0.73
C GLN A 171 -10.25 -22.57 0.11
N HIS A 172 -10.01 -23.09 -1.09
CA HIS A 172 -8.76 -22.88 -1.81
C HIS A 172 -8.50 -21.39 -2.01
N PHE A 173 -9.51 -20.69 -2.51
CA PHE A 173 -9.42 -19.26 -2.77
C PHE A 173 -9.11 -18.43 -1.53
N THR A 174 -9.88 -18.63 -0.45
CA THR A 174 -9.69 -17.84 0.76
C THR A 174 -8.38 -18.11 1.49
N HIS A 175 -7.88 -19.33 1.40
CA HIS A 175 -6.64 -19.66 2.09
C HIS A 175 -5.38 -19.03 1.51
N GLN A 176 -5.56 -18.14 0.54
CA GLN A 176 -4.45 -17.43 -0.04
C GLN A 176 -4.34 -16.13 0.76
N PHE A 177 -5.45 -15.72 1.39
CA PHE A 177 -5.42 -14.50 2.21
C PHE A 177 -5.76 -14.69 3.69
N PHE A 178 -6.16 -15.90 4.07
CA PHE A 178 -6.41 -16.23 5.47
C PHE A 178 -5.32 -17.24 5.85
N LYS A 179 -4.28 -16.78 6.54
CA LYS A 179 -3.20 -17.66 6.96
C LYS A 179 -2.71 -17.23 8.32
N THR A 180 -3.54 -17.45 9.33
CA THR A 180 -3.20 -17.06 10.69
C THR A 180 -1.90 -17.73 11.14
N SER A 181 -1.00 -16.93 11.69
CA SER A 181 0.29 -17.41 12.15
C SER A 181 0.21 -18.13 13.49
N GLY A 182 0.64 -19.39 13.51
CA GLY A 182 0.61 -20.14 14.74
C GLY A 182 1.64 -19.67 15.77
N LYS A 183 2.79 -19.19 15.31
CA LYS A 183 3.81 -18.75 16.24
C LYS A 183 3.51 -17.37 16.81
N MET A 184 2.95 -16.47 16.01
CA MET A 184 2.65 -15.12 16.48
C MET A 184 1.35 -14.97 17.24
N GLY A 185 0.38 -15.84 16.96
CA GLY A 185 -0.89 -15.76 17.67
C GLY A 185 -2.06 -15.17 16.90
N PRO A 186 -3.23 -15.11 17.53
CA PRO A 186 -4.40 -14.54 16.85
C PRO A 186 -4.13 -13.11 16.43
N GLY A 187 -4.76 -12.68 15.35
CA GLY A 187 -4.56 -11.32 14.90
C GLY A 187 -3.34 -11.16 14.03
N PHE A 188 -2.67 -12.26 13.73
CA PHE A 188 -1.48 -12.24 12.90
C PHE A 188 -1.61 -13.18 11.70
N THR A 189 -1.16 -12.70 10.54
CA THR A 189 -1.24 -13.47 9.30
C THR A 189 0.12 -13.66 8.66
N LYS A 190 0.26 -14.69 7.83
CA LYS A 190 1.52 -14.91 7.13
C LYS A 190 1.23 -14.54 5.70
N ALA A 191 -0.06 -14.34 5.42
CA ALA A 191 -0.52 -13.99 4.09
C ALA A 191 -0.34 -12.51 3.81
N LEU A 192 0.92 -12.06 3.85
CA LEU A 192 1.22 -10.67 3.55
C LEU A 192 0.64 -10.62 2.14
N GLY A 193 0.31 -9.47 1.60
CA GLY A 193 -0.30 -9.55 0.30
C GLY A 193 -1.74 -9.18 0.56
N HIS A 194 -2.32 -9.76 1.60
CA HIS A 194 -3.67 -9.40 2.00
C HIS A 194 -4.69 -9.37 0.88
N GLY A 195 -4.71 -10.39 0.03
CA GLY A 195 -5.70 -10.37 -1.03
C GLY A 195 -5.50 -11.41 -2.10
N VAL A 196 -5.96 -11.07 -3.30
CA VAL A 196 -5.82 -11.99 -4.40
C VAL A 196 -4.47 -11.77 -5.08
N ASP A 197 -3.44 -12.36 -4.48
CA ASP A 197 -2.09 -12.26 -5.02
C ASP A 197 -1.66 -13.64 -5.51
N LEU A 198 -2.54 -14.62 -5.29
CA LEU A 198 -2.30 -16.01 -5.67
C LEU A 198 -1.12 -16.64 -4.91
N GLY A 199 -0.88 -16.15 -3.70
CA GLY A 199 0.22 -16.67 -2.91
C GLY A 199 0.05 -18.15 -2.60
N HIS A 200 -1.19 -18.65 -2.72
CA HIS A 200 -1.46 -20.04 -2.44
C HIS A 200 -1.01 -20.92 -3.58
N ILE A 201 -0.59 -20.28 -4.67
CA ILE A 201 -0.11 -21.01 -5.83
C ILE A 201 1.39 -20.80 -6.01
N TYR A 202 1.85 -19.57 -5.78
CA TYR A 202 3.27 -19.21 -5.92
C TYR A 202 4.05 -19.08 -4.61
N GLY A 203 3.37 -19.23 -3.48
CA GLY A 203 4.04 -19.11 -2.20
C GLY A 203 3.84 -17.72 -1.63
N ASP A 204 3.89 -17.57 -0.31
CA ASP A 204 3.70 -16.25 0.29
C ASP A 204 5.03 -15.55 0.54
N ASN A 205 6.11 -16.14 0.04
CA ASN A 205 7.45 -15.55 0.18
C ASN A 205 8.35 -15.96 -1.01
N LEU A 206 9.29 -15.09 -1.36
CA LEU A 206 10.17 -15.31 -2.49
C LEU A 206 10.97 -16.62 -2.52
N GLU A 207 11.65 -16.96 -1.45
CA GLU A 207 12.43 -18.17 -1.48
C GLU A 207 11.54 -19.39 -1.77
N ARG A 208 10.35 -19.41 -1.21
CA ARG A 208 9.43 -20.52 -1.45
C ARG A 208 9.01 -20.51 -2.91
N GLN A 209 8.74 -19.32 -3.43
CA GLN A 209 8.35 -19.17 -4.82
C GLN A 209 9.43 -19.80 -5.70
N TYR A 210 10.67 -19.37 -5.48
CA TYR A 210 11.82 -19.85 -6.25
C TYR A 210 12.00 -21.36 -6.27
N GLN A 211 11.77 -22.00 -5.14
CA GLN A 211 11.92 -23.45 -5.05
C GLN A 211 10.81 -24.13 -5.87
N LEU A 212 9.70 -23.41 -6.04
CA LEU A 212 8.55 -23.92 -6.78
C LEU A 212 8.61 -23.67 -8.29
N ARG A 213 9.45 -22.73 -8.72
CA ARG A 213 9.55 -22.41 -10.15
C ARG A 213 10.58 -23.27 -10.89
N LEU A 214 10.34 -23.46 -12.19
CA LEU A 214 11.22 -24.24 -13.05
C LEU A 214 12.40 -23.37 -13.51
N PHE A 215 12.10 -22.09 -13.71
CA PHE A 215 13.06 -21.11 -14.19
C PHE A 215 13.34 -21.35 -15.66
N LYS A 216 12.33 -21.88 -16.33
CA LYS A 216 12.39 -22.13 -17.75
C LYS A 216 11.02 -21.82 -18.34
N ASP A 217 10.98 -20.94 -19.33
CA ASP A 217 9.73 -20.59 -19.98
C ASP A 217 8.71 -20.00 -19.01
N GLY A 218 9.21 -19.50 -17.88
CA GLY A 218 8.36 -18.91 -16.86
C GLY A 218 7.43 -19.86 -16.17
N LYS A 219 7.65 -21.16 -16.36
CA LYS A 219 6.80 -22.19 -15.78
C LYS A 219 7.07 -22.61 -14.34
N LEU A 220 6.11 -23.37 -13.82
CA LEU A 220 6.14 -23.92 -12.46
C LEU A 220 6.61 -25.38 -12.59
N LYS A 221 7.37 -25.86 -11.61
CA LYS A 221 7.81 -27.25 -11.62
C LYS A 221 6.58 -28.16 -11.61
N TYR A 222 6.75 -29.40 -12.07
CA TYR A 222 5.64 -30.34 -12.08
C TYR A 222 6.17 -31.76 -12.26
N GLN A 223 5.29 -32.74 -12.25
CA GLN A 223 5.67 -34.13 -12.40
C GLN A 223 4.57 -34.83 -13.20
N MET A 224 4.93 -35.91 -13.88
CA MET A 224 3.94 -36.65 -14.65
C MET A 224 3.53 -37.92 -13.91
N LEU A 225 2.23 -38.14 -13.85
CA LEU A 225 1.72 -39.34 -13.22
C LEU A 225 0.55 -39.77 -14.08
N ASN A 226 0.67 -40.97 -14.64
CA ASN A 226 -0.36 -41.51 -15.52
C ASN A 226 -0.54 -40.63 -16.74
N GLY A 227 0.55 -40.02 -17.19
CA GLY A 227 0.50 -39.16 -18.36
C GLY A 227 -0.18 -37.85 -18.08
N GLU A 228 -0.41 -37.57 -16.80
CA GLU A 228 -1.06 -36.33 -16.38
C GLU A 228 -0.09 -35.42 -15.61
N VAL A 229 -0.39 -34.14 -15.60
CA VAL A 229 0.45 -33.14 -14.94
C VAL A 229 -0.01 -32.84 -13.51
N TYR A 230 0.92 -32.96 -12.56
CA TYR A 230 0.64 -32.70 -11.16
C TYR A 230 1.75 -31.92 -10.49
N PRO A 231 1.44 -31.22 -9.38
CA PRO A 231 2.48 -30.46 -8.70
C PRO A 231 3.62 -31.43 -8.39
N PRO A 232 4.85 -30.94 -8.31
CA PRO A 232 6.01 -31.79 -8.03
C PRO A 232 5.99 -32.33 -6.60
N SER A 233 6.93 -33.19 -6.27
CA SER A 233 7.00 -33.72 -4.90
C SER A 233 7.94 -32.81 -4.11
N VAL A 234 7.82 -32.87 -2.79
CA VAL A 234 8.64 -32.07 -1.91
C VAL A 234 10.13 -32.36 -2.13
N GLU A 235 10.40 -33.44 -2.84
CA GLU A 235 11.78 -33.81 -3.09
C GLU A 235 12.38 -32.98 -4.22
N GLU A 236 11.61 -32.73 -5.28
CA GLU A 236 12.08 -31.92 -6.40
C GLU A 236 11.85 -30.43 -6.10
N ALA A 237 10.96 -30.16 -5.15
CA ALA A 237 10.65 -28.80 -4.71
C ALA A 237 10.64 -28.83 -3.18
N PRO A 238 11.84 -28.71 -2.57
CA PRO A 238 12.07 -28.72 -1.12
C PRO A 238 11.38 -27.56 -0.40
N VAL A 239 10.06 -27.68 -0.28
CA VAL A 239 9.25 -26.65 0.36
C VAL A 239 8.49 -27.22 1.55
N LEU A 240 8.34 -26.41 2.59
CA LEU A 240 7.64 -26.84 3.80
C LEU A 240 6.17 -27.10 3.53
N MET A 241 5.73 -28.31 3.84
CA MET A 241 4.35 -28.72 3.66
C MET A 241 3.91 -29.34 4.98
N HIS A 242 2.65 -29.17 5.34
CA HIS A 242 2.16 -29.75 6.59
C HIS A 242 1.52 -31.09 6.33
N TYR A 243 2.27 -32.15 6.62
CA TYR A 243 1.81 -33.53 6.48
C TYR A 243 2.11 -34.21 7.79
N PRO A 244 1.35 -35.26 8.14
CA PRO A 244 1.57 -35.99 9.39
C PRO A 244 2.91 -36.71 9.35
N ARG A 245 3.57 -36.82 10.49
CA ARG A 245 4.84 -37.52 10.55
C ARG A 245 4.59 -38.95 10.10
N GLY A 246 5.51 -39.50 9.31
CA GLY A 246 5.33 -40.86 8.85
C GLY A 246 5.03 -41.01 7.37
N ILE A 247 4.81 -39.88 6.71
CA ILE A 247 4.55 -39.89 5.28
C ILE A 247 5.84 -39.49 4.58
N PRO A 248 6.32 -40.31 3.63
CA PRO A 248 7.56 -40.02 2.90
C PRO A 248 7.41 -38.85 1.94
N PRO A 249 8.50 -38.10 1.72
CA PRO A 249 8.52 -36.93 0.83
C PRO A 249 8.07 -37.25 -0.60
N GLN A 250 8.41 -38.45 -1.07
CA GLN A 250 8.04 -38.85 -2.41
C GLN A 250 6.52 -38.95 -2.58
N SER A 251 5.78 -38.75 -1.50
CA SER A 251 4.31 -38.79 -1.54
C SER A 251 3.72 -37.44 -1.17
N GLN A 252 4.58 -36.47 -0.87
CA GLN A 252 4.14 -35.13 -0.48
C GLN A 252 4.25 -34.16 -1.65
N MET A 253 3.15 -33.55 -2.03
CA MET A 253 3.17 -32.59 -3.13
C MET A 253 3.47 -31.18 -2.61
N ALA A 254 4.22 -30.42 -3.40
CA ALA A 254 4.58 -29.04 -3.02
C ALA A 254 3.69 -28.02 -3.76
N VAL A 255 2.99 -27.16 -3.04
CA VAL A 255 2.13 -26.19 -3.71
C VAL A 255 2.14 -24.72 -3.33
N GLY A 256 2.91 -24.28 -2.35
CA GLY A 256 2.82 -22.84 -2.12
C GLY A 256 2.00 -22.55 -0.89
N GLN A 257 0.85 -23.20 -0.74
CA GLN A 257 0.04 -23.08 0.48
C GLN A 257 0.29 -24.40 1.22
N GLU A 258 1.20 -24.36 2.20
CA GLU A 258 1.63 -25.51 3.00
C GLU A 258 0.56 -26.45 3.54
N VAL A 259 -0.66 -25.96 3.63
CA VAL A 259 -1.75 -26.72 4.21
C VAL A 259 -2.61 -27.50 3.20
N PHE A 260 -2.33 -27.33 1.91
CA PHE A 260 -3.16 -27.99 0.90
C PHE A 260 -3.08 -29.50 0.75
N GLY A 261 -2.06 -30.12 1.33
CA GLY A 261 -1.95 -31.57 1.24
C GLY A 261 -3.02 -32.24 2.08
N LEU A 262 -3.67 -31.45 2.91
CA LEU A 262 -4.69 -31.94 3.81
C LEU A 262 -6.05 -32.30 3.21
N LEU A 263 -6.24 -32.10 1.91
CA LEU A 263 -7.52 -32.44 1.27
C LEU A 263 -7.41 -32.62 -0.24
N PRO A 264 -8.01 -33.68 -0.80
CA PRO A 264 -7.92 -33.86 -2.24
C PRO A 264 -8.57 -32.66 -2.94
N GLY A 265 -9.63 -32.15 -2.34
CA GLY A 265 -10.33 -31.00 -2.90
C GLY A 265 -9.41 -29.80 -3.10
N LEU A 266 -8.53 -29.58 -2.14
CA LEU A 266 -7.60 -28.46 -2.19
C LEU A 266 -6.48 -28.70 -3.19
N MET A 267 -5.95 -29.92 -3.21
CA MET A 267 -4.86 -30.26 -4.10
C MET A 267 -5.35 -30.31 -5.56
N LEU A 268 -6.65 -30.52 -5.73
CA LEU A 268 -7.28 -30.57 -7.05
C LEU A 268 -7.10 -29.18 -7.69
N TYR A 269 -7.56 -28.15 -6.97
CA TYR A 269 -7.43 -26.80 -7.47
C TYR A 269 -5.98 -26.39 -7.62
N ALA A 270 -5.13 -26.86 -6.71
CA ALA A 270 -3.71 -26.54 -6.80
C ALA A 270 -3.24 -27.04 -8.16
N THR A 271 -3.67 -28.24 -8.52
CA THR A 271 -3.30 -28.86 -9.79
C THR A 271 -3.87 -28.09 -10.99
N ILE A 272 -5.17 -27.82 -10.94
CA ILE A 272 -5.83 -27.09 -12.02
C ILE A 272 -5.10 -25.79 -12.32
N TRP A 273 -4.93 -24.94 -11.30
CA TRP A 273 -4.26 -23.67 -11.49
C TRP A 273 -2.81 -23.79 -11.93
N LEU A 274 -2.10 -24.81 -11.45
CA LEU A 274 -0.71 -24.98 -11.86
C LEU A 274 -0.69 -25.24 -13.38
N ARG A 275 -1.58 -26.12 -13.84
CA ARG A 275 -1.67 -26.42 -15.25
C ARG A 275 -1.99 -25.17 -16.07
N GLU A 276 -2.91 -24.34 -15.57
CA GLU A 276 -3.29 -23.09 -16.25
C GLU A 276 -2.10 -22.12 -16.38
N HIS A 277 -1.28 -22.02 -15.36
CA HIS A 277 -0.11 -21.13 -15.39
C HIS A 277 0.83 -21.50 -16.54
N ASN A 278 1.23 -22.77 -16.57
CA ASN A 278 2.13 -23.26 -17.61
C ASN A 278 1.48 -23.11 -19.00
N ARG A 279 0.16 -23.25 -19.05
CA ARG A 279 -0.55 -23.11 -20.31
C ARG A 279 -0.41 -21.66 -20.80
N VAL A 280 -0.66 -20.72 -19.89
CA VAL A 280 -0.54 -19.30 -20.22
C VAL A 280 0.89 -18.98 -20.63
N CYS A 281 1.87 -19.64 -20.02
CA CYS A 281 3.27 -19.40 -20.36
C CYS A 281 3.49 -19.75 -21.83
N ASP A 282 2.91 -20.87 -22.25
CA ASP A 282 3.06 -21.29 -23.63
C ASP A 282 2.48 -20.24 -24.58
N LEU A 283 1.31 -19.71 -24.24
CA LEU A 283 0.68 -18.69 -25.06
C LEU A 283 1.53 -17.42 -25.17
N LEU A 284 2.09 -16.97 -24.04
CA LEU A 284 2.93 -15.77 -24.03
C LEU A 284 4.17 -15.96 -24.89
N LYS A 285 4.80 -17.12 -24.78
CA LYS A 285 6.01 -17.43 -25.56
C LYS A 285 5.77 -17.36 -27.06
N ALA A 286 4.59 -17.78 -27.50
CA ALA A 286 4.27 -17.73 -28.92
C ALA A 286 4.20 -16.28 -29.36
N GLU A 287 3.68 -15.43 -28.49
CA GLU A 287 3.53 -14.01 -28.78
C GLU A 287 4.84 -13.22 -28.58
N HIS A 288 5.69 -13.68 -27.66
CA HIS A 288 6.94 -12.98 -27.37
C HIS A 288 8.17 -13.88 -27.33
N PRO A 289 8.69 -14.23 -28.52
CA PRO A 289 9.89 -15.07 -28.67
C PRO A 289 11.14 -14.54 -27.96
N THR A 290 11.17 -13.23 -27.70
CA THR A 290 12.32 -12.60 -27.05
C THR A 290 12.33 -12.59 -25.53
N TRP A 291 11.17 -12.84 -24.89
CA TRP A 291 11.09 -12.81 -23.43
C TRP A 291 11.86 -13.88 -22.71
N GLY A 292 12.25 -13.56 -21.48
CA GLY A 292 12.97 -14.51 -20.66
C GLY A 292 12.02 -15.18 -19.67
N ASP A 293 12.57 -16.09 -18.87
CA ASP A 293 11.80 -16.82 -17.86
C ASP A 293 11.07 -15.87 -16.91
N GLU A 294 11.78 -14.90 -16.33
CA GLU A 294 11.17 -13.95 -15.40
C GLU A 294 9.91 -13.25 -15.93
N GLN A 295 10.05 -12.54 -17.04
CA GLN A 295 8.91 -11.82 -17.57
C GLN A 295 7.75 -12.77 -17.88
N LEU A 296 8.08 -13.95 -18.40
CA LEU A 296 7.03 -14.93 -18.70
C LEU A 296 6.31 -15.32 -17.40
N PHE A 297 7.09 -15.63 -16.37
CA PHE A 297 6.53 -16.01 -15.09
C PHE A 297 5.63 -14.91 -14.53
N GLN A 298 6.19 -13.71 -14.41
CA GLN A 298 5.46 -12.57 -13.86
C GLN A 298 4.16 -12.26 -14.60
N THR A 299 4.24 -12.22 -15.93
CA THR A 299 3.08 -11.91 -16.76
C THR A 299 1.97 -12.95 -16.61
N ALA A 300 2.36 -14.22 -16.55
CA ALA A 300 1.37 -15.28 -16.39
C ALA A 300 0.71 -15.09 -15.02
N ARG A 301 1.50 -14.75 -14.01
CA ARG A 301 0.92 -14.56 -12.69
C ARG A 301 -0.15 -13.46 -12.73
N LEU A 302 0.15 -12.35 -13.38
CA LEU A 302 -0.83 -11.27 -13.45
C LEU A 302 -2.08 -11.76 -14.15
N ILE A 303 -1.92 -12.53 -15.22
CA ILE A 303 -3.07 -13.05 -15.94
C ILE A 303 -3.93 -13.93 -15.04
N LEU A 304 -3.29 -14.86 -14.33
CA LEU A 304 -4.03 -15.73 -13.42
C LEU A 304 -4.70 -14.92 -12.31
N ILE A 305 -4.08 -13.83 -11.86
CA ILE A 305 -4.69 -13.01 -10.84
C ILE A 305 -5.99 -12.47 -11.43
N GLY A 306 -5.91 -11.98 -12.68
CA GLY A 306 -7.08 -11.45 -13.36
C GLY A 306 -8.16 -12.49 -13.54
N GLU A 307 -7.81 -13.67 -14.07
CA GLU A 307 -8.80 -14.72 -14.27
C GLU A 307 -9.52 -15.06 -12.98
N THR A 308 -8.79 -15.10 -11.87
CA THR A 308 -9.40 -15.44 -10.59
C THR A 308 -10.45 -14.39 -10.20
N ILE A 309 -10.11 -13.12 -10.34
CA ILE A 309 -11.06 -12.07 -9.99
C ILE A 309 -12.29 -12.18 -10.91
N LYS A 310 -12.06 -12.38 -12.19
CA LYS A 310 -13.13 -12.53 -13.17
C LYS A 310 -14.07 -13.66 -12.75
N ILE A 311 -13.50 -14.82 -12.47
CA ILE A 311 -14.28 -15.97 -12.09
C ILE A 311 -14.96 -15.82 -10.72
N VAL A 312 -14.31 -15.13 -9.78
CA VAL A 312 -14.89 -14.96 -8.47
C VAL A 312 -16.10 -14.03 -8.48
N ILE A 313 -16.00 -12.93 -9.22
CA ILE A 313 -17.11 -11.98 -9.30
C ILE A 313 -18.28 -12.49 -10.12
N GLU A 314 -18.00 -12.93 -11.34
CA GLU A 314 -19.05 -13.36 -12.25
C GLU A 314 -19.65 -14.76 -12.11
N GLU A 315 -18.98 -15.65 -11.41
CA GLU A 315 -19.52 -17.00 -11.24
C GLU A 315 -19.67 -17.40 -9.78
N TYR A 316 -18.61 -17.21 -9.01
CA TYR A 316 -18.59 -17.54 -7.59
C TYR A 316 -19.63 -16.70 -6.84
N VAL A 317 -19.49 -15.38 -6.87
CA VAL A 317 -20.44 -14.53 -6.17
C VAL A 317 -21.82 -14.59 -6.81
N GLN A 318 -21.88 -14.77 -8.12
CA GLN A 318 -23.17 -14.85 -8.80
C GLN A 318 -23.94 -16.00 -8.16
N GLN A 319 -23.29 -17.16 -8.07
CA GLN A 319 -23.91 -18.36 -7.47
C GLN A 319 -24.32 -18.13 -6.00
N LEU A 320 -23.44 -17.48 -5.23
CA LEU A 320 -23.73 -17.22 -3.83
C LEU A 320 -24.93 -16.29 -3.68
N SER A 321 -24.85 -15.16 -4.35
CA SER A 321 -25.88 -14.13 -4.30
C SER A 321 -27.28 -14.57 -4.71
N GLY A 322 -27.36 -15.34 -5.79
CA GLY A 322 -28.66 -15.76 -6.29
C GLY A 322 -29.33 -14.67 -7.10
N TYR A 323 -28.66 -13.53 -7.26
CA TYR A 323 -29.18 -12.38 -7.99
C TYR A 323 -29.51 -12.64 -9.45
N PHE A 324 -30.54 -11.96 -9.95
CA PHE A 324 -30.92 -12.08 -11.36
C PHE A 324 -30.13 -11.05 -12.15
N LEU A 325 -29.58 -10.07 -11.44
CA LEU A 325 -28.76 -9.05 -12.06
C LEU A 325 -27.44 -9.75 -12.42
N GLN A 326 -26.98 -9.59 -13.65
CA GLN A 326 -25.75 -10.24 -14.06
C GLN A 326 -24.54 -9.42 -13.60
N LEU A 327 -23.93 -9.86 -12.50
CA LEU A 327 -22.76 -9.19 -11.94
C LEU A 327 -21.70 -9.11 -13.03
N LYS A 328 -20.82 -8.11 -12.93
CA LYS A 328 -19.80 -7.93 -13.96
C LYS A 328 -18.48 -7.45 -13.43
N PHE A 329 -17.40 -8.10 -13.87
CA PHE A 329 -16.07 -7.70 -13.46
C PHE A 329 -15.49 -6.80 -14.55
N ASP A 330 -15.38 -5.52 -14.23
CA ASP A 330 -14.85 -4.55 -15.18
C ASP A 330 -14.31 -3.37 -14.39
N PRO A 331 -12.99 -3.31 -14.23
CA PRO A 331 -12.30 -2.23 -13.49
C PRO A 331 -12.66 -0.83 -13.99
N GLU A 332 -13.02 -0.72 -15.26
CA GLU A 332 -13.34 0.60 -15.78
C GLU A 332 -14.49 1.23 -15.03
N LEU A 333 -15.43 0.41 -14.57
CA LEU A 333 -16.59 0.90 -13.84
C LEU A 333 -16.18 1.80 -12.68
N LEU A 334 -14.94 1.69 -12.22
CA LEU A 334 -14.49 2.50 -11.10
C LEU A 334 -13.55 3.64 -11.46
N PHE A 335 -13.16 3.75 -12.73
CA PHE A 335 -12.24 4.79 -13.13
C PHE A 335 -12.68 6.21 -12.91
N GLY A 336 -13.99 6.44 -12.85
CA GLY A 336 -14.45 7.80 -12.61
C GLY A 336 -14.76 8.03 -11.14
N ALA A 337 -14.45 7.03 -10.31
CA ALA A 337 -14.74 7.10 -8.89
C ALA A 337 -13.53 7.26 -8.01
N GLN A 338 -13.78 7.62 -6.75
CA GLN A 338 -12.72 7.78 -5.76
C GLN A 338 -12.65 6.44 -5.08
N PHE A 339 -11.53 5.75 -5.28
CA PHE A 339 -11.38 4.41 -4.77
C PHE A 339 -9.90 4.10 -4.59
N GLN A 340 -9.52 3.55 -3.44
CA GLN A 340 -8.12 3.20 -3.18
C GLN A 340 -7.87 1.76 -3.61
N TYR A 341 -6.87 1.54 -4.46
CA TYR A 341 -6.55 0.20 -4.92
C TYR A 341 -5.54 -0.50 -3.98
N ARG A 342 -5.97 -0.69 -2.74
CA ARG A 342 -5.16 -1.38 -1.73
C ARG A 342 -6.17 -2.13 -0.87
N ASN A 343 -5.74 -3.20 -0.20
CA ASN A 343 -6.67 -3.96 0.63
C ASN A 343 -5.93 -4.59 1.81
N ARG A 344 -6.61 -4.68 2.95
CA ARG A 344 -6.01 -5.26 4.14
C ARG A 344 -7.01 -6.19 4.80
N ILE A 345 -6.65 -7.46 4.95
CA ILE A 345 -7.58 -8.43 5.55
C ILE A 345 -7.92 -8.16 7.00
N ALA A 346 -9.22 -8.20 7.29
CA ALA A 346 -9.76 -7.97 8.61
C ALA A 346 -10.01 -9.29 9.35
N MET A 347 -9.81 -9.29 10.66
CA MET A 347 -10.03 -10.48 11.45
C MET A 347 -11.49 -10.90 11.38
N GLU A 348 -12.39 -9.92 11.31
CA GLU A 348 -13.81 -10.21 11.24
C GLU A 348 -14.14 -10.94 9.94
N PHE A 349 -13.49 -10.51 8.86
CA PHE A 349 -13.68 -11.12 7.54
C PHE A 349 -13.24 -12.58 7.62
N ASN A 350 -12.16 -12.82 8.36
CA ASN A 350 -11.63 -14.17 8.55
C ASN A 350 -12.68 -15.04 9.28
N GLN A 351 -13.20 -14.52 10.39
CA GLN A 351 -14.22 -15.22 11.17
C GLN A 351 -15.42 -15.56 10.28
N LEU A 352 -16.00 -14.53 9.67
CA LEU A 352 -17.15 -14.68 8.79
C LEU A 352 -17.00 -15.77 7.73
N TYR A 353 -15.79 -15.92 7.18
CA TYR A 353 -15.54 -16.91 6.14
C TYR A 353 -15.33 -18.35 6.61
N HIS A 354 -15.60 -18.64 7.87
CA HIS A 354 -15.46 -20.02 8.33
C HIS A 354 -16.75 -20.71 7.93
N TRP A 355 -16.80 -21.17 6.68
CA TRP A 355 -17.99 -21.81 6.12
C TRP A 355 -17.98 -23.33 6.17
N HIS A 356 -17.61 -23.88 7.31
CA HIS A 356 -17.56 -25.32 7.47
C HIS A 356 -18.86 -26.09 7.26
N PRO A 357 -20.03 -25.43 7.38
CA PRO A 357 -21.27 -26.16 7.15
C PRO A 357 -21.34 -26.74 5.73
N LEU A 358 -20.54 -26.19 4.81
CA LEU A 358 -20.55 -26.65 3.42
C LEU A 358 -20.16 -28.11 3.26
N MET A 359 -19.17 -28.56 4.05
CA MET A 359 -18.73 -29.94 3.95
C MET A 359 -19.85 -30.91 4.27
N PRO A 360 -19.93 -32.01 3.50
CA PRO A 360 -20.92 -33.07 3.62
C PRO A 360 -20.65 -34.12 4.71
N ASP A 361 -21.52 -35.13 4.76
CA ASP A 361 -21.40 -36.22 5.73
C ASP A 361 -20.26 -37.14 5.26
N SER A 362 -20.12 -37.25 3.94
CA SER A 362 -19.07 -38.06 3.33
C SER A 362 -18.84 -37.53 1.91
N PHE A 363 -17.84 -38.06 1.22
CA PHE A 363 -17.54 -37.60 -0.12
C PHE A 363 -17.73 -38.65 -1.21
N ARG A 364 -18.79 -38.46 -2.00
CA ARG A 364 -19.13 -39.38 -3.07
C ARG A 364 -18.41 -39.12 -4.38
N VAL A 365 -17.65 -40.12 -4.82
CA VAL A 365 -16.92 -40.06 -6.07
C VAL A 365 -17.42 -41.28 -6.83
N GLY A 366 -18.26 -41.06 -7.83
CA GLY A 366 -18.81 -42.18 -8.56
C GLY A 366 -19.67 -42.98 -7.60
N PRO A 367 -19.61 -44.31 -7.64
CA PRO A 367 -20.40 -45.15 -6.73
C PRO A 367 -19.81 -45.22 -5.34
N GLN A 368 -18.51 -44.95 -5.23
CA GLN A 368 -17.81 -44.97 -3.95
C GLN A 368 -18.15 -43.80 -3.06
N ASP A 369 -18.21 -44.07 -1.76
CA ASP A 369 -18.52 -43.06 -0.78
C ASP A 369 -17.36 -43.06 0.21
N TYR A 370 -16.62 -41.97 0.24
CA TYR A 370 -15.47 -41.88 1.14
C TYR A 370 -15.77 -41.14 2.42
N SER A 371 -15.26 -41.66 3.53
CA SER A 371 -15.47 -41.04 4.83
C SER A 371 -14.41 -39.96 5.05
N TYR A 372 -14.56 -39.21 6.12
CA TYR A 372 -13.60 -38.16 6.46
C TYR A 372 -12.21 -38.76 6.73
N GLU A 373 -12.19 -39.92 7.38
CA GLU A 373 -10.93 -40.59 7.69
C GLU A 373 -10.26 -41.14 6.43
N GLN A 374 -11.05 -41.29 5.37
CA GLN A 374 -10.52 -41.78 4.09
C GLN A 374 -10.17 -40.63 3.16
N PHE A 375 -10.70 -39.45 3.47
CA PHE A 375 -10.50 -38.27 2.66
C PHE A 375 -9.41 -37.32 3.13
N LEU A 376 -9.49 -36.91 4.39
CA LEU A 376 -8.56 -35.93 4.96
C LEU A 376 -7.10 -35.90 4.54
N PHE A 377 -6.31 -36.93 4.80
CA PHE A 377 -4.93 -36.79 4.35
C PHE A 377 -4.54 -37.71 3.23
N ASN A 378 -5.54 -38.16 2.49
CA ASN A 378 -5.31 -39.06 1.38
C ASN A 378 -4.38 -38.40 0.37
N THR A 379 -3.19 -38.94 0.22
CA THR A 379 -2.22 -38.39 -0.71
C THR A 379 -2.29 -39.09 -2.06
N SER A 380 -3.20 -40.05 -2.21
CA SER A 380 -3.30 -40.78 -3.47
C SER A 380 -4.61 -40.65 -4.22
N MET A 381 -5.65 -40.12 -3.57
CA MET A 381 -6.94 -39.98 -4.22
C MET A 381 -6.88 -39.17 -5.53
N LEU A 382 -6.39 -37.94 -5.44
CA LEU A 382 -6.28 -37.06 -6.60
C LEU A 382 -5.68 -37.75 -7.83
N VAL A 383 -4.55 -38.44 -7.64
CA VAL A 383 -3.91 -39.13 -8.75
C VAL A 383 -4.68 -40.38 -9.20
N ASP A 384 -5.29 -41.09 -8.25
CA ASP A 384 -6.05 -42.28 -8.62
C ASP A 384 -7.19 -41.92 -9.59
N TYR A 385 -7.93 -40.85 -9.27
CA TYR A 385 -9.04 -40.43 -10.10
C TYR A 385 -8.74 -39.40 -11.17
N GLY A 386 -7.74 -38.56 -10.95
CA GLY A 386 -7.41 -37.51 -11.90
C GLY A 386 -8.32 -36.31 -11.74
N VAL A 387 -8.00 -35.22 -12.44
CA VAL A 387 -8.79 -34.00 -12.37
C VAL A 387 -10.24 -34.10 -12.89
N GLU A 388 -10.42 -34.57 -14.13
CA GLU A 388 -11.76 -34.69 -14.71
C GLU A 388 -12.74 -35.40 -13.77
N ALA A 389 -12.33 -36.56 -13.27
CA ALA A 389 -13.16 -37.37 -12.38
C ALA A 389 -13.59 -36.63 -11.11
N LEU A 390 -12.63 -36.02 -10.41
CA LEU A 390 -12.96 -35.30 -9.18
C LEU A 390 -13.82 -34.07 -9.46
N VAL A 391 -13.47 -33.30 -10.50
CA VAL A 391 -14.25 -32.12 -10.81
C VAL A 391 -15.71 -32.51 -11.07
N ASP A 392 -15.92 -33.60 -11.79
CA ASP A 392 -17.29 -34.07 -12.09
C ASP A 392 -17.98 -34.46 -10.78
N ALA A 393 -17.26 -35.18 -9.92
CA ALA A 393 -17.81 -35.63 -8.64
C ALA A 393 -18.18 -34.46 -7.75
N PHE A 394 -17.23 -33.55 -7.52
CA PHE A 394 -17.51 -32.41 -6.68
C PHE A 394 -18.59 -31.49 -7.27
N SER A 395 -18.66 -31.41 -8.59
CA SER A 395 -19.67 -30.57 -9.20
C SER A 395 -21.07 -31.17 -9.03
N ARG A 396 -21.14 -32.48 -8.82
CA ARG A 396 -22.43 -33.14 -8.65
C ARG A 396 -22.94 -33.25 -7.22
N GLN A 397 -22.04 -33.29 -6.23
CA GLN A 397 -22.49 -33.41 -4.85
C GLN A 397 -22.91 -32.10 -4.19
N PRO A 398 -24.14 -32.06 -3.65
CA PRO A 398 -24.58 -30.82 -3.01
C PRO A 398 -23.84 -30.51 -1.71
N ALA A 399 -23.55 -29.23 -1.49
CA ALA A 399 -22.86 -28.82 -0.29
C ALA A 399 -23.95 -28.41 0.69
N GLY A 400 -23.58 -28.28 1.96
CA GLY A 400 -24.56 -27.92 2.99
C GLY A 400 -24.92 -26.46 3.07
N ARG A 401 -26.04 -26.17 3.70
CA ARG A 401 -26.46 -24.79 3.88
C ARG A 401 -25.57 -24.14 4.94
N ILE A 402 -25.15 -22.90 4.69
CA ILE A 402 -24.28 -22.21 5.63
C ILE A 402 -24.96 -21.65 6.86
N GLY A 403 -26.07 -20.94 6.68
CA GLY A 403 -26.77 -20.37 7.82
C GLY A 403 -27.87 -21.29 8.33
N GLY A 404 -28.59 -20.84 9.36
CA GLY A 404 -29.70 -21.62 9.89
C GLY A 404 -29.41 -22.46 11.11
N GLY A 405 -28.13 -22.72 11.39
CA GLY A 405 -27.76 -23.51 12.55
C GLY A 405 -27.79 -25.02 12.35
N ARG A 406 -27.18 -25.74 13.28
CA ARG A 406 -27.11 -27.20 13.28
C ARG A 406 -26.77 -27.81 11.93
N ASN A 407 -25.62 -27.47 11.38
CA ASN A 407 -25.24 -28.06 10.09
C ASN A 407 -23.75 -28.26 9.88
N ILE A 408 -22.98 -28.33 10.97
CA ILE A 408 -21.55 -28.58 10.83
C ILE A 408 -21.24 -30.00 11.26
N ASP A 409 -20.69 -30.78 10.33
CA ASP A 409 -20.36 -32.17 10.60
C ASP A 409 -19.47 -32.28 11.84
N HIS A 410 -19.77 -33.26 12.70
CA HIS A 410 -19.02 -33.45 13.94
C HIS A 410 -17.51 -33.56 13.74
N HIS A 411 -17.10 -34.11 12.61
CA HIS A 411 -15.68 -34.25 12.32
C HIS A 411 -14.93 -32.92 12.41
N ILE A 412 -15.56 -31.83 11.98
CA ILE A 412 -14.88 -30.53 12.02
C ILE A 412 -15.53 -29.48 12.92
N LEU A 413 -16.36 -29.91 13.86
CA LEU A 413 -17.02 -28.98 14.78
C LEU A 413 -16.02 -28.29 15.69
N HIS A 414 -14.86 -28.92 15.89
CA HIS A 414 -13.84 -28.36 16.75
C HIS A 414 -13.35 -27.03 16.19
N VAL A 415 -13.47 -26.85 14.89
CA VAL A 415 -13.05 -25.60 14.28
C VAL A 415 -13.94 -24.46 14.76
N ALA A 416 -15.25 -24.69 14.77
CA ALA A 416 -16.17 -23.66 15.22
C ALA A 416 -15.89 -23.30 16.68
N VAL A 417 -15.76 -24.33 17.51
CA VAL A 417 -15.49 -24.12 18.93
C VAL A 417 -14.28 -23.19 19.08
N ASP A 418 -13.22 -23.45 18.32
CA ASP A 418 -12.03 -22.62 18.41
C ASP A 418 -12.20 -21.19 17.83
N VAL A 419 -13.12 -21.02 16.89
CA VAL A 419 -13.36 -19.69 16.32
C VAL A 419 -14.00 -18.83 17.40
N ILE A 420 -14.92 -19.43 18.15
CA ILE A 420 -15.59 -18.74 19.23
C ILE A 420 -14.56 -18.36 20.30
N LYS A 421 -13.65 -19.28 20.60
CA LYS A 421 -12.63 -18.99 21.59
C LYS A 421 -11.67 -17.88 21.13
N GLU A 422 -11.33 -17.88 19.85
CA GLU A 422 -10.42 -16.87 19.30
C GLU A 422 -11.11 -15.51 19.30
N SER A 423 -12.42 -15.51 19.04
CA SER A 423 -13.18 -14.28 19.03
C SER A 423 -13.05 -13.58 20.38
N ARG A 424 -13.12 -14.35 21.45
CA ARG A 424 -13.01 -13.82 22.80
C ARG A 424 -11.59 -13.32 23.07
N VAL A 425 -10.59 -13.98 22.50
CA VAL A 425 -9.22 -13.54 22.68
C VAL A 425 -9.06 -12.19 21.93
N LEU A 426 -9.59 -12.14 20.71
CA LEU A 426 -9.53 -10.93 19.91
C LEU A 426 -10.49 -9.89 20.50
N ARG A 427 -11.31 -10.33 21.44
CA ARG A 427 -12.29 -9.45 22.06
C ARG A 427 -13.15 -8.75 21.01
N LEU A 428 -13.73 -9.53 20.11
CA LEU A 428 -14.59 -8.99 19.07
C LEU A 428 -15.85 -8.39 19.68
N GLN A 429 -16.25 -7.22 19.21
CA GLN A 429 -17.45 -6.55 19.73
C GLN A 429 -18.71 -7.38 19.43
N PRO A 430 -19.79 -7.15 20.19
CA PRO A 430 -21.03 -7.90 19.97
C PRO A 430 -21.63 -7.85 18.56
N PHE A 431 -22.35 -8.92 18.21
CA PHE A 431 -23.00 -9.04 16.91
C PHE A 431 -23.83 -7.81 16.53
N ASN A 432 -24.65 -7.33 17.45
CA ASN A 432 -25.46 -6.17 17.13
C ASN A 432 -24.62 -4.94 16.83
N GLU A 433 -23.45 -4.84 17.44
CA GLU A 433 -22.64 -3.67 17.17
C GLU A 433 -22.12 -3.76 15.73
N TYR A 434 -21.84 -4.98 15.28
CA TYR A 434 -21.38 -5.16 13.91
C TYR A 434 -22.55 -4.94 12.96
N ARG A 435 -23.75 -5.29 13.41
CA ARG A 435 -24.94 -5.09 12.58
C ARG A 435 -24.98 -3.60 12.24
N LYS A 436 -24.86 -2.77 13.27
CA LYS A 436 -24.90 -1.34 13.07
C LYS A 436 -23.77 -0.85 12.16
N ARG A 437 -22.55 -1.34 12.39
CA ARG A 437 -21.40 -0.92 11.59
C ARG A 437 -21.61 -1.17 10.10
N PHE A 438 -22.51 -2.09 9.76
CA PHE A 438 -22.77 -2.38 8.36
C PHE A 438 -24.14 -1.96 7.84
N GLY A 439 -24.76 -0.99 8.52
CA GLY A 439 -26.03 -0.46 8.06
C GLY A 439 -27.34 -1.12 8.45
N MET A 440 -27.32 -2.03 9.41
CA MET A 440 -28.55 -2.70 9.82
C MET A 440 -28.93 -2.30 11.24
N LYS A 441 -30.20 -2.50 11.58
CA LYS A 441 -30.68 -2.19 12.93
C LYS A 441 -30.34 -3.42 13.75
N PRO A 442 -29.95 -3.24 15.03
CA PRO A 442 -29.63 -4.44 15.83
C PRO A 442 -30.88 -5.27 16.10
N TYR A 443 -30.70 -6.56 16.37
CA TYR A 443 -31.83 -7.40 16.68
C TYR A 443 -32.31 -7.05 18.07
N THR A 444 -33.63 -6.99 18.25
CA THR A 444 -34.17 -6.64 19.56
C THR A 444 -34.46 -7.85 20.45
N SER A 445 -34.24 -9.05 19.92
CA SER A 445 -34.46 -10.28 20.68
C SER A 445 -33.90 -11.48 19.91
N PHE A 446 -33.70 -12.60 20.60
CA PHE A 446 -33.19 -13.79 19.92
C PHE A 446 -34.25 -14.35 18.99
N GLN A 447 -35.50 -14.25 19.42
CA GLN A 447 -36.59 -14.76 18.60
C GLN A 447 -36.61 -14.00 17.28
N GLU A 448 -36.17 -12.74 17.29
CA GLU A 448 -36.15 -11.95 16.07
C GLU A 448 -34.99 -12.39 15.19
N LEU A 449 -33.88 -12.76 15.82
CA LEU A 449 -32.67 -13.24 15.15
C LEU A 449 -32.96 -14.57 14.42
N THR A 450 -33.35 -15.58 15.18
CA THR A 450 -33.71 -16.88 14.62
C THR A 450 -35.15 -16.60 14.19
N GLY A 451 -35.69 -17.38 13.28
CA GLY A 451 -37.07 -17.06 12.96
C GLY A 451 -38.00 -17.93 13.78
N GLU A 452 -37.53 -18.42 14.92
CA GLU A 452 -38.33 -19.33 15.73
C GLU A 452 -38.33 -19.11 17.22
N LYS A 453 -38.85 -20.09 17.97
CA LYS A 453 -38.97 -19.98 19.42
C LYS A 453 -38.09 -20.83 20.33
N GLU A 454 -37.95 -22.12 20.02
CA GLU A 454 -37.16 -23.00 20.88
C GLU A 454 -35.68 -22.63 21.05
N MET A 455 -34.93 -22.50 19.96
CA MET A 455 -33.52 -22.14 20.08
C MET A 455 -33.37 -20.77 20.72
N ALA A 456 -34.21 -19.85 20.29
CA ALA A 456 -34.19 -18.49 20.79
C ALA A 456 -34.27 -18.47 22.31
N ALA A 457 -35.24 -19.20 22.86
CA ALA A 457 -35.41 -19.25 24.30
C ALA A 457 -34.16 -19.76 25.00
N GLU A 458 -33.53 -20.77 24.41
CA GLU A 458 -32.34 -21.34 25.02
C GLU A 458 -31.12 -20.43 24.90
N LEU A 459 -31.06 -19.66 23.82
CA LEU A 459 -29.96 -18.73 23.60
C LEU A 459 -30.15 -17.58 24.56
N GLU A 460 -31.41 -17.17 24.74
CA GLU A 460 -31.72 -16.07 25.63
C GLU A 460 -31.31 -16.42 27.05
N GLU A 461 -31.46 -17.68 27.43
CA GLU A 461 -31.09 -18.09 28.78
C GLU A 461 -29.57 -18.14 28.97
N LEU A 462 -28.85 -18.57 27.93
CA LEU A 462 -27.39 -18.65 27.98
C LEU A 462 -26.69 -17.30 27.86
N TYR A 463 -27.09 -16.49 26.89
CA TYR A 463 -26.47 -15.18 26.70
C TYR A 463 -27.04 -14.08 27.61
N GLY A 464 -28.30 -14.23 28.01
CA GLY A 464 -28.89 -13.22 28.87
C GLY A 464 -29.45 -12.02 28.13
N ASP A 465 -28.69 -11.49 27.18
CA ASP A 465 -29.14 -10.31 26.42
C ASP A 465 -28.73 -10.41 24.95
N ILE A 466 -29.66 -10.15 24.04
CA ILE A 466 -29.35 -10.21 22.62
C ILE A 466 -28.13 -9.34 22.28
N ASP A 467 -27.86 -8.32 23.11
CA ASP A 467 -26.72 -7.44 22.88
C ASP A 467 -25.38 -8.08 23.26
N ALA A 468 -25.44 -9.30 23.80
CA ALA A 468 -24.24 -10.01 24.19
C ALA A 468 -23.90 -11.11 23.17
N LEU A 469 -24.83 -11.38 22.26
CA LEU A 469 -24.62 -12.39 21.22
C LEU A 469 -23.33 -12.03 20.47
N GLU A 470 -22.47 -13.04 20.27
CA GLU A 470 -21.19 -12.83 19.62
C GLU A 470 -21.28 -12.82 18.09
N PHE A 471 -20.23 -12.29 17.47
CA PHE A 471 -20.16 -12.16 16.00
C PHE A 471 -20.39 -13.44 15.18
N TYR A 472 -19.51 -14.43 15.33
CA TYR A 472 -19.66 -15.66 14.56
C TYR A 472 -20.95 -16.39 14.85
N PRO A 473 -21.25 -16.64 16.13
CA PRO A 473 -22.50 -17.35 16.44
C PRO A 473 -23.69 -16.61 15.83
N GLY A 474 -23.61 -15.29 15.79
CA GLY A 474 -24.69 -14.50 15.23
C GLY A 474 -24.88 -14.76 13.75
N LEU A 475 -23.78 -14.79 13.00
CA LEU A 475 -23.86 -15.03 11.56
C LEU A 475 -24.47 -16.39 11.22
N LEU A 476 -24.05 -17.43 11.93
CA LEU A 476 -24.57 -18.77 11.66
C LEU A 476 -25.94 -19.10 12.20
N LEU A 477 -26.42 -18.33 13.18
CA LEU A 477 -27.73 -18.63 13.74
C LEU A 477 -28.84 -17.73 13.23
N GLU A 478 -28.46 -16.68 12.50
CA GLU A 478 -29.45 -15.77 11.94
C GLU A 478 -30.32 -16.51 10.93
N LYS A 479 -31.63 -16.21 10.92
CA LYS A 479 -32.53 -16.85 9.95
C LYS A 479 -32.06 -16.53 8.54
N CYS A 480 -32.25 -17.50 7.64
CA CYS A 480 -31.85 -17.33 6.26
C CYS A 480 -32.93 -16.69 5.44
N HIS A 481 -32.51 -16.11 4.31
CA HIS A 481 -33.44 -15.51 3.37
C HIS A 481 -34.22 -16.71 2.80
N PRO A 482 -35.44 -16.48 2.29
CA PRO A 482 -36.30 -17.53 1.73
C PRO A 482 -35.66 -18.89 1.47
N ASN A 483 -35.10 -19.06 0.27
CA ASN A 483 -34.44 -20.30 -0.09
C ASN A 483 -32.98 -19.98 -0.31
N SER A 484 -32.34 -19.39 0.70
CA SER A 484 -30.95 -19.00 0.57
C SER A 484 -29.98 -19.82 1.38
N ILE A 485 -28.71 -19.68 1.03
CA ILE A 485 -27.64 -20.41 1.70
C ILE A 485 -27.34 -19.84 3.09
N PHE A 486 -27.60 -18.55 3.29
CA PHE A 486 -27.41 -17.93 4.60
C PHE A 486 -28.25 -16.65 4.81
N GLY A 487 -28.11 -16.04 5.99
CA GLY A 487 -28.88 -14.85 6.31
C GLY A 487 -28.37 -13.55 5.71
N GLU A 488 -29.11 -12.47 5.97
CA GLU A 488 -28.72 -11.17 5.42
C GLU A 488 -27.39 -10.68 5.96
N SER A 489 -27.14 -10.88 7.25
CA SER A 489 -25.90 -10.43 7.86
C SER A 489 -24.68 -10.91 7.10
N MET A 490 -24.70 -12.19 6.72
CA MET A 490 -23.58 -12.77 5.99
C MET A 490 -23.35 -11.98 4.69
N ILE A 491 -24.44 -11.58 4.04
CA ILE A 491 -24.36 -10.81 2.79
C ILE A 491 -23.97 -9.36 3.03
N GLU A 492 -24.71 -8.68 3.89
CA GLU A 492 -24.46 -7.28 4.20
C GLU A 492 -23.11 -7.01 4.83
N MET A 493 -22.54 -8.02 5.49
CA MET A 493 -21.24 -7.85 6.13
C MET A 493 -20.11 -8.41 5.28
N GLY A 494 -20.41 -9.46 4.52
CA GLY A 494 -19.40 -10.08 3.68
C GLY A 494 -19.22 -9.46 2.31
N ALA A 495 -20.29 -8.92 1.74
CA ALA A 495 -20.20 -8.29 0.43
C ALA A 495 -19.14 -7.19 0.45
N PRO A 496 -19.19 -6.29 1.45
CA PRO A 496 -18.19 -5.21 1.53
C PRO A 496 -16.76 -5.71 1.60
N PHE A 497 -16.50 -6.69 2.48
CA PHE A 497 -15.16 -7.27 2.60
C PHE A 497 -14.74 -7.92 1.28
N SER A 498 -15.66 -8.68 0.68
CA SER A 498 -15.35 -9.37 -0.57
C SER A 498 -15.00 -8.44 -1.71
N LEU A 499 -15.96 -7.60 -2.09
CA LEU A 499 -15.78 -6.69 -3.21
C LEU A 499 -14.58 -5.75 -3.07
N LYS A 500 -14.39 -5.19 -1.88
CA LYS A 500 -13.26 -4.32 -1.64
C LYS A 500 -11.97 -5.11 -1.87
N GLY A 501 -12.01 -6.40 -1.51
CA GLY A 501 -10.87 -7.26 -1.69
C GLY A 501 -10.61 -7.61 -3.15
N LEU A 502 -11.68 -7.75 -3.93
CA LEU A 502 -11.53 -8.07 -5.34
C LEU A 502 -11.07 -6.86 -6.15
N LEU A 503 -11.78 -5.74 -6.03
CA LEU A 503 -11.43 -4.56 -6.79
C LEU A 503 -10.30 -3.72 -6.21
N GLY A 504 -10.07 -3.83 -4.90
CA GLY A 504 -8.99 -3.06 -4.29
C GLY A 504 -7.68 -3.79 -4.51
N ASN A 505 -7.44 -4.14 -5.78
CA ASN A 505 -6.24 -4.86 -6.17
C ASN A 505 -5.54 -3.99 -7.19
N PRO A 506 -4.20 -3.84 -7.09
CA PRO A 506 -3.43 -3.02 -8.04
C PRO A 506 -3.74 -3.25 -9.52
N ILE A 507 -3.96 -4.50 -9.92
CA ILE A 507 -4.25 -4.77 -11.32
C ILE A 507 -5.59 -4.19 -11.78
N CYS A 508 -6.39 -3.67 -10.86
CA CYS A 508 -7.67 -3.08 -11.21
C CYS A 508 -7.57 -1.57 -11.37
N SER A 509 -6.40 -1.02 -11.07
CA SER A 509 -6.17 0.41 -11.18
C SER A 509 -5.98 0.83 -12.65
N PRO A 510 -6.22 2.11 -12.95
CA PRO A 510 -6.06 2.61 -14.32
C PRO A 510 -4.61 2.38 -14.80
N GLU A 511 -3.66 2.47 -13.89
CA GLU A 511 -2.25 2.28 -14.24
C GLU A 511 -1.93 0.86 -14.68
N TYR A 512 -2.49 -0.14 -13.99
CA TYR A 512 -2.21 -1.53 -14.36
C TYR A 512 -3.14 -2.13 -15.42
N TRP A 513 -4.42 -1.80 -15.37
CA TRP A 513 -5.41 -2.35 -16.30
C TRP A 513 -5.26 -1.94 -17.78
N LYS A 514 -4.17 -2.39 -18.40
CA LYS A 514 -3.84 -2.11 -19.80
C LYS A 514 -3.42 -3.44 -20.42
N ALA A 515 -3.63 -3.59 -21.72
CA ALA A 515 -3.24 -4.83 -22.39
C ALA A 515 -1.74 -5.13 -22.24
N SER A 516 -0.91 -4.09 -22.18
CA SER A 516 0.52 -4.32 -22.09
C SER A 516 0.89 -5.10 -20.82
N THR A 517 0.16 -4.83 -19.74
CA THR A 517 0.39 -5.50 -18.47
C THR A 517 0.31 -7.02 -18.56
N PHE A 518 -0.60 -7.51 -19.39
CA PHE A 518 -0.81 -8.92 -19.57
C PHE A 518 -0.19 -9.52 -20.83
N GLY A 519 0.77 -8.81 -21.41
CA GLY A 519 1.44 -9.29 -22.61
C GLY A 519 0.76 -8.95 -23.92
N GLY A 520 -0.31 -8.16 -23.84
CA GLY A 520 -1.01 -7.78 -25.05
C GLY A 520 -2.46 -8.20 -25.08
N GLU A 521 -3.08 -7.99 -26.23
CA GLU A 521 -4.47 -8.31 -26.47
C GLU A 521 -4.83 -9.76 -26.12
N VAL A 522 -3.96 -10.70 -26.44
CA VAL A 522 -4.20 -12.11 -26.16
C VAL A 522 -4.19 -12.39 -24.65
N GLY A 523 -3.25 -11.79 -23.93
CA GLY A 523 -3.19 -11.99 -22.50
C GLY A 523 -4.37 -11.32 -21.80
N PHE A 524 -4.73 -10.14 -22.29
CA PHE A 524 -5.85 -9.39 -21.71
C PHE A 524 -7.16 -10.17 -21.87
N ASN A 525 -7.36 -10.78 -23.04
CA ASN A 525 -8.60 -11.54 -23.29
C ASN A 525 -8.76 -12.77 -22.42
N LEU A 526 -7.64 -13.35 -21.99
CA LEU A 526 -7.71 -14.52 -21.12
C LEU A 526 -8.34 -14.06 -19.80
N VAL A 527 -8.09 -12.82 -19.42
CA VAL A 527 -8.65 -12.29 -18.19
C VAL A 527 -10.12 -11.94 -18.41
N LYS A 528 -10.39 -11.19 -19.48
CA LYS A 528 -11.74 -10.73 -19.81
C LYS A 528 -12.76 -11.82 -20.13
N THR A 529 -12.28 -13.00 -20.53
CA THR A 529 -13.22 -14.08 -20.86
C THR A 529 -13.02 -15.33 -20.00
N ALA A 530 -12.27 -15.20 -18.91
CA ALA A 530 -12.02 -16.32 -18.00
C ALA A 530 -13.33 -16.94 -17.54
N THR A 531 -13.31 -18.26 -17.36
CA THR A 531 -14.50 -19.00 -16.98
C THR A 531 -14.10 -20.24 -16.20
N LEU A 532 -14.95 -20.65 -15.27
CA LEU A 532 -14.71 -21.83 -14.44
C LEU A 532 -14.59 -23.04 -15.36
N LYS A 533 -15.46 -23.10 -16.36
CA LYS A 533 -15.46 -24.20 -17.32
C LYS A 533 -14.18 -24.24 -18.18
N LYS A 534 -13.68 -23.07 -18.58
CA LYS A 534 -12.46 -23.01 -19.37
C LYS A 534 -11.25 -23.29 -18.48
N LEU A 535 -11.32 -22.83 -17.22
CA LEU A 535 -10.21 -23.05 -16.31
C LEU A 535 -9.93 -24.54 -16.19
N VAL A 536 -11.00 -25.32 -16.08
CA VAL A 536 -10.87 -26.76 -15.94
C VAL A 536 -10.63 -27.45 -17.28
N CYS A 537 -11.58 -27.28 -18.19
CA CYS A 537 -11.51 -27.95 -19.49
C CYS A 537 -10.39 -27.62 -20.45
N LEU A 538 -9.83 -26.44 -20.37
CA LEU A 538 -8.73 -26.12 -21.25
C LEU A 538 -7.47 -26.73 -20.67
N ASN A 539 -7.64 -27.46 -19.57
CA ASN A 539 -6.50 -28.09 -18.89
C ASN A 539 -6.64 -29.58 -18.61
N THR A 540 -7.75 -30.18 -19.04
CA THR A 540 -7.97 -31.61 -18.83
C THR A 540 -8.13 -32.33 -20.15
N LYS A 541 -7.83 -33.62 -20.16
CA LYS A 541 -7.97 -34.41 -21.38
C LYS A 541 -9.40 -34.39 -21.88
N THR A 542 -10.37 -34.52 -20.97
CA THR A 542 -11.78 -34.48 -21.34
C THR A 542 -12.48 -33.43 -20.49
N CYS A 543 -13.66 -33.01 -20.91
CA CYS A 543 -14.40 -31.99 -20.17
C CYS A 543 -15.59 -32.60 -19.44
N PRO A 544 -15.58 -32.56 -18.11
CA PRO A 544 -16.68 -33.13 -17.35
C PRO A 544 -17.76 -32.10 -17.08
N TYR A 545 -18.69 -32.42 -16.17
CA TYR A 545 -19.71 -31.47 -15.79
C TYR A 545 -18.93 -30.60 -14.82
N VAL A 546 -18.87 -29.29 -15.09
CA VAL A 546 -18.14 -28.38 -14.22
C VAL A 546 -18.98 -27.14 -13.95
N SER A 547 -19.22 -26.85 -12.67
CA SER A 547 -20.04 -25.73 -12.26
C SER A 547 -20.06 -25.56 -10.74
N PHE A 548 -20.55 -24.41 -10.30
CA PHE A 548 -20.67 -24.12 -8.87
C PHE A 548 -22.09 -24.45 -8.45
N HIS A 549 -22.86 -24.99 -9.39
CA HIS A 549 -24.25 -25.35 -9.13
C HIS A 549 -24.41 -26.83 -9.43
N VAL A 550 -25.12 -27.52 -8.56
CA VAL A 550 -25.39 -28.94 -8.73
C VAL A 550 -26.21 -29.09 -10.03
N PRO A 551 -26.08 -30.23 -10.73
CA PRO A 551 -26.85 -30.42 -11.97
C PRO A 551 -28.35 -30.62 -11.73
N VAL B 1 18.39 -4.60 -34.51
CA VAL B 1 18.43 -3.91 -33.19
C VAL B 1 17.07 -3.93 -32.50
N ASN B 2 17.08 -3.92 -31.17
CA ASN B 2 15.86 -3.91 -30.36
C ASN B 2 15.11 -2.62 -30.72
N PRO B 3 13.92 -2.72 -31.33
CA PRO B 3 13.18 -1.51 -31.69
C PRO B 3 12.93 -0.55 -30.53
N CYS B 4 12.75 -1.07 -29.32
CA CYS B 4 12.50 -0.20 -28.19
C CYS B 4 13.70 0.66 -27.78
N CYS B 5 14.87 0.39 -28.36
CA CYS B 5 16.06 1.19 -28.06
C CYS B 5 15.87 2.59 -28.64
N TYR B 6 14.94 2.72 -29.58
CA TYR B 6 14.66 4.00 -30.21
C TYR B 6 13.64 4.82 -29.41
N TYR B 7 13.17 4.27 -28.29
CA TYR B 7 12.17 4.96 -27.46
C TYR B 7 11.06 5.48 -28.37
N PRO B 8 10.54 4.63 -29.28
CA PRO B 8 9.48 5.01 -30.22
C PRO B 8 8.17 5.52 -29.65
N CYS B 9 7.70 4.91 -28.57
CA CYS B 9 6.43 5.33 -27.95
C CYS B 9 6.55 6.66 -27.22
N GLN B 10 5.61 7.56 -27.48
CA GLN B 10 5.58 8.88 -26.85
C GLN B 10 4.46 8.94 -25.81
N HIS B 11 4.38 10.09 -25.14
CA HIS B 11 3.34 10.36 -24.16
C HIS B 11 2.95 9.22 -23.24
N GLN B 12 3.96 8.51 -22.74
CA GLN B 12 3.78 7.40 -21.81
C GLN B 12 3.29 6.08 -22.40
N GLY B 13 3.28 5.96 -23.71
CA GLY B 13 2.87 4.68 -24.30
C GLY B 13 3.93 3.65 -23.91
N ILE B 14 3.51 2.40 -23.68
CA ILE B 14 4.46 1.36 -23.29
C ILE B 14 4.99 0.57 -24.49
N CYS B 15 6.31 0.53 -24.63
CA CYS B 15 6.94 -0.21 -25.74
C CYS B 15 7.01 -1.68 -25.41
N VAL B 16 6.40 -2.51 -26.26
CA VAL B 16 6.42 -3.95 -26.03
C VAL B 16 6.91 -4.68 -27.27
N ARG B 17 7.86 -5.58 -27.03
CA ARG B 17 8.47 -6.39 -28.07
C ARG B 17 7.53 -7.51 -28.50
N PHE B 18 7.28 -7.61 -29.81
CA PHE B 18 6.40 -8.65 -30.33
C PHE B 18 7.07 -9.44 -31.44
N GLY B 19 6.92 -10.76 -31.43
CA GLY B 19 7.55 -11.57 -32.44
C GLY B 19 9.05 -11.48 -32.30
N LEU B 20 9.78 -11.72 -33.38
CA LEU B 20 11.24 -11.66 -33.32
C LEU B 20 11.87 -10.31 -33.47
N ASP B 21 11.19 -9.39 -34.16
CA ASP B 21 11.77 -8.07 -34.37
C ASP B 21 10.80 -6.91 -34.39
N ARG B 22 9.54 -7.17 -34.05
CA ARG B 22 8.53 -6.12 -34.04
C ARG B 22 8.34 -5.49 -32.67
N TYR B 23 7.54 -4.43 -32.64
CA TYR B 23 7.23 -3.75 -31.40
C TYR B 23 5.86 -3.12 -31.61
N GLN B 24 5.17 -2.84 -30.50
CA GLN B 24 3.86 -2.20 -30.55
C GLN B 24 3.83 -1.26 -29.36
N CYS B 25 3.10 -0.18 -29.47
CA CYS B 25 2.98 0.76 -28.36
C CYS B 25 1.58 0.65 -27.80
N ASP B 26 1.50 0.46 -26.49
CA ASP B 26 0.21 0.39 -25.83
C ASP B 26 -0.08 1.85 -25.50
N CYS B 27 -0.98 2.47 -26.26
CA CYS B 27 -1.31 3.88 -26.06
C CYS B 27 -2.51 4.06 -25.16
N THR B 28 -2.94 2.99 -24.53
CA THR B 28 -4.10 3.06 -23.65
C THR B 28 -4.09 4.29 -22.73
N ARG B 29 -5.16 5.05 -22.80
CA ARG B 29 -5.35 6.24 -21.97
C ARG B 29 -4.25 7.28 -21.97
N THR B 30 -3.49 7.37 -23.05
CA THR B 30 -2.43 8.36 -23.13
C THR B 30 -2.98 9.63 -23.75
N GLY B 31 -4.14 9.52 -24.37
CA GLY B 31 -4.72 10.68 -25.03
C GLY B 31 -4.33 10.71 -26.49
N TYR B 32 -3.54 9.72 -26.90
CA TYR B 32 -3.09 9.62 -28.28
C TYR B 32 -3.24 8.21 -28.82
N SER B 33 -3.17 8.10 -30.14
CA SER B 33 -3.25 6.82 -30.84
C SER B 33 -2.19 6.85 -31.95
N GLY B 34 -2.13 5.76 -32.73
CA GLY B 34 -1.15 5.68 -33.79
C GLY B 34 -0.03 4.78 -33.34
N PRO B 35 0.78 4.25 -34.26
CA PRO B 35 1.88 3.35 -33.87
C PRO B 35 2.71 3.81 -32.66
N ASN B 36 2.94 5.12 -32.53
CA ASN B 36 3.73 5.59 -31.38
C ASN B 36 2.99 6.53 -30.46
N CYS B 37 1.67 6.49 -30.48
CA CYS B 37 0.89 7.34 -29.61
C CYS B 37 1.20 8.83 -29.85
N THR B 38 1.18 9.26 -31.11
CA THR B 38 1.47 10.67 -31.44
C THR B 38 0.30 11.40 -32.10
N ILE B 39 -0.79 10.68 -32.38
CA ILE B 39 -1.98 11.30 -32.99
C ILE B 39 -2.97 11.62 -31.86
N PRO B 40 -3.05 12.90 -31.47
CA PRO B 40 -3.94 13.33 -30.40
C PRO B 40 -5.43 13.23 -30.63
N GLU B 41 -6.17 13.14 -29.53
CA GLU B 41 -7.61 13.11 -29.58
C GLU B 41 -7.95 14.60 -29.49
N ILE B 42 -9.12 15.00 -29.96
CA ILE B 42 -9.47 16.42 -29.94
C ILE B 42 -9.16 17.15 -28.64
N TRP B 43 -9.56 16.58 -27.50
CA TRP B 43 -9.31 17.25 -26.22
C TRP B 43 -7.84 17.29 -25.85
N THR B 44 -7.11 16.25 -26.22
CA THR B 44 -5.68 16.20 -25.92
C THR B 44 -5.02 17.34 -26.67
N TRP B 45 -5.53 17.63 -27.88
CA TRP B 45 -4.98 18.69 -28.70
C TRP B 45 -5.31 20.09 -28.15
N LEU B 46 -6.51 20.26 -27.61
CA LEU B 46 -6.89 21.55 -27.05
C LEU B 46 -6.02 21.86 -25.84
N ARG B 47 -5.97 20.91 -24.92
CA ARG B 47 -5.19 21.04 -23.70
C ARG B 47 -3.72 21.38 -23.93
N THR B 48 -3.06 20.67 -24.84
CA THR B 48 -1.66 20.94 -25.07
C THR B 48 -1.37 22.21 -25.87
N THR B 49 -2.36 22.70 -26.61
CA THR B 49 -2.12 23.92 -27.38
C THR B 49 -2.47 25.15 -26.55
N LEU B 50 -3.19 24.94 -25.46
CA LEU B 50 -3.57 26.01 -24.56
C LEU B 50 -2.64 26.11 -23.35
N ARG B 51 -1.95 25.03 -23.04
CA ARG B 51 -1.04 25.02 -21.90
C ARG B 51 0.17 25.91 -22.15
N PRO B 52 0.37 26.94 -21.31
CA PRO B 52 1.51 27.84 -21.46
C PRO B 52 2.75 27.07 -21.02
N SER B 53 3.93 27.50 -21.45
CA SER B 53 5.15 26.79 -21.09
C SER B 53 5.56 26.90 -19.62
N PRO B 54 6.34 25.93 -19.12
CA PRO B 54 6.81 25.93 -17.73
C PRO B 54 7.48 27.25 -17.36
N SER B 55 8.25 27.82 -18.29
CA SER B 55 8.93 29.10 -18.03
C SER B 55 7.91 30.22 -17.87
N PHE B 56 6.78 30.10 -18.56
CA PHE B 56 5.74 31.12 -18.49
C PHE B 56 4.99 31.06 -17.15
N ILE B 57 4.56 29.87 -16.74
CA ILE B 57 3.86 29.74 -15.46
C ILE B 57 4.82 30.18 -14.36
N HIS B 58 6.09 29.83 -14.51
CA HIS B 58 7.08 30.22 -13.51
C HIS B 58 7.09 31.74 -13.41
N PHE B 59 7.01 32.39 -14.56
CA PHE B 59 6.99 33.83 -14.63
C PHE B 59 5.78 34.42 -13.90
N LEU B 60 4.60 33.91 -14.24
CA LEU B 60 3.37 34.37 -13.62
C LEU B 60 3.38 34.18 -12.11
N LEU B 61 4.13 33.17 -11.66
CA LEU B 61 4.21 32.87 -10.24
C LEU B 61 5.26 33.67 -9.47
N THR B 62 6.21 34.26 -10.20
CA THR B 62 7.28 35.04 -9.55
C THR B 62 7.19 36.54 -9.83
N HIS B 63 6.00 37.03 -10.15
CA HIS B 63 5.80 38.44 -10.46
C HIS B 63 4.43 38.94 -10.02
N GLY B 64 4.30 40.26 -9.90
CA GLY B 64 3.05 40.85 -9.49
C GLY B 64 2.70 40.52 -8.06
N ARG B 65 3.63 40.79 -7.14
CA ARG B 65 3.38 40.51 -5.73
C ARG B 65 2.02 41.05 -5.31
N TRP B 66 1.75 42.31 -5.66
CA TRP B 66 0.49 42.93 -5.30
C TRP B 66 -0.66 41.98 -5.61
N LEU B 67 -0.72 41.52 -6.84
CA LEU B 67 -1.75 40.60 -7.31
C LEU B 67 -1.87 39.33 -6.45
N TRP B 68 -0.74 38.74 -6.08
CA TRP B 68 -0.81 37.51 -5.31
C TRP B 68 -1.29 37.71 -3.87
N ASP B 69 -1.02 38.88 -3.31
CA ASP B 69 -1.45 39.13 -1.93
C ASP B 69 -2.96 38.98 -1.72
N PHE B 70 -3.77 39.31 -2.73
CA PHE B 70 -5.22 39.14 -2.61
C PHE B 70 -5.57 37.67 -2.79
N VAL B 71 -4.97 37.07 -3.83
CA VAL B 71 -5.21 35.66 -4.13
C VAL B 71 -4.97 34.77 -2.90
N ASN B 72 -3.80 34.92 -2.27
CA ASN B 72 -3.50 34.10 -1.10
C ASN B 72 -4.48 34.32 0.06
N ALA B 73 -5.26 35.40 0.00
CA ALA B 73 -6.22 35.68 1.07
C ALA B 73 -7.61 35.16 0.76
N THR B 74 -7.77 34.42 -0.34
CA THR B 74 -9.08 33.89 -0.71
C THR B 74 -9.08 32.45 -1.21
N PHE B 75 -10.28 31.91 -1.42
CA PHE B 75 -10.40 30.54 -1.88
C PHE B 75 -9.62 30.28 -3.16
N ILE B 76 -9.13 31.33 -3.81
CA ILE B 76 -8.36 31.14 -5.04
C ILE B 76 -7.05 30.45 -4.66
N ARG B 77 -6.55 30.77 -3.47
CA ARG B 77 -5.33 30.15 -2.99
C ARG B 77 -5.55 28.64 -2.99
N ASP B 78 -6.65 28.19 -2.38
CA ASP B 78 -6.96 26.77 -2.33
C ASP B 78 -7.11 26.19 -3.74
N THR B 79 -7.92 26.84 -4.56
CA THR B 79 -8.16 26.40 -5.93
C THR B 79 -6.84 26.14 -6.66
N LEU B 80 -5.86 27.00 -6.46
CA LEU B 80 -4.58 26.84 -7.12
C LEU B 80 -3.74 25.73 -6.50
N MET B 81 -3.71 25.65 -5.17
CA MET B 81 -2.92 24.62 -4.50
C MET B 81 -3.39 23.24 -4.95
N ARG B 82 -4.70 23.07 -5.04
CA ARG B 82 -5.30 21.81 -5.48
C ARG B 82 -4.86 21.51 -6.91
N LEU B 83 -4.93 22.54 -7.76
CA LEU B 83 -4.54 22.42 -9.15
C LEU B 83 -3.09 21.95 -9.26
N VAL B 84 -2.22 22.53 -8.43
CA VAL B 84 -0.81 22.18 -8.41
C VAL B 84 -0.67 20.74 -7.93
N LEU B 85 -1.25 20.46 -6.77
CA LEU B 85 -1.21 19.12 -6.19
C LEU B 85 -1.63 18.01 -7.18
N THR B 86 -2.76 18.20 -7.86
CA THR B 86 -3.23 17.16 -8.78
C THR B 86 -2.46 17.05 -10.10
N VAL B 87 -2.19 18.18 -10.74
CA VAL B 87 -1.45 18.13 -11.99
C VAL B 87 -0.02 17.60 -11.82
N ARG B 88 0.65 18.05 -10.77
CA ARG B 88 2.01 17.62 -10.44
C ARG B 88 1.98 16.10 -10.15
N SER B 89 1.04 15.68 -9.30
CA SER B 89 0.90 14.28 -8.91
C SER B 89 0.58 13.29 -10.02
N ASN B 90 -0.27 13.68 -10.97
CA ASN B 90 -0.64 12.78 -12.05
C ASN B 90 0.52 12.31 -12.92
N LEU B 91 1.70 12.87 -12.74
CA LEU B 91 2.85 12.47 -13.54
C LEU B 91 3.56 11.29 -12.88
N ILE B 92 3.11 10.91 -11.69
CA ILE B 92 3.71 9.81 -10.94
C ILE B 92 2.80 8.59 -10.88
N PRO B 93 3.25 7.47 -11.46
CA PRO B 93 2.46 6.24 -11.48
C PRO B 93 2.13 5.77 -10.07
N SER B 94 0.86 5.44 -9.86
CA SER B 94 0.39 4.94 -8.57
C SER B 94 -0.82 4.04 -8.81
N PRO B 95 -0.70 2.72 -8.51
CA PRO B 95 0.45 1.98 -7.98
C PRO B 95 1.74 2.12 -8.81
N PRO B 96 2.91 1.87 -8.17
CA PRO B 96 4.21 1.99 -8.86
C PRO B 96 4.35 0.99 -10.02
N THR B 97 5.28 1.25 -10.93
CA THR B 97 5.43 0.36 -12.07
C THR B 97 6.65 -0.56 -12.10
N TYR B 98 7.74 -0.04 -12.62
CA TYR B 98 8.95 -0.84 -12.80
C TYR B 98 9.98 -0.65 -11.71
N ASN B 99 10.96 -1.54 -11.72
CA ASN B 99 12.07 -1.49 -10.79
C ASN B 99 13.32 -2.05 -11.51
N ILE B 100 14.48 -1.99 -10.86
CA ILE B 100 15.74 -2.44 -11.45
C ILE B 100 15.71 -3.86 -12.01
N ALA B 101 14.80 -4.70 -11.53
CA ALA B 101 14.74 -6.07 -12.01
C ALA B 101 13.73 -6.23 -13.14
N HIS B 102 12.61 -5.51 -13.06
CA HIS B 102 11.57 -5.63 -14.08
C HIS B 102 11.26 -4.33 -14.80
N ASP B 103 11.43 -4.31 -16.12
CA ASP B 103 11.11 -3.14 -16.90
C ASP B 103 9.71 -3.36 -17.45
N TYR B 104 8.83 -3.85 -16.57
CA TYR B 104 7.44 -4.15 -16.90
C TYR B 104 6.68 -4.37 -15.60
N ILE B 105 5.36 -4.24 -15.63
CA ILE B 105 4.54 -4.43 -14.42
C ILE B 105 4.55 -5.88 -13.97
N SER B 106 4.66 -6.10 -12.66
CA SER B 106 4.69 -7.46 -12.12
C SER B 106 4.24 -7.42 -10.68
N TRP B 107 3.75 -8.55 -10.18
CA TRP B 107 3.31 -8.59 -8.79
C TRP B 107 4.47 -8.38 -7.82
N GLU B 108 5.64 -8.88 -8.21
CA GLU B 108 6.86 -8.75 -7.41
C GLU B 108 7.26 -7.28 -7.35
N SER B 109 7.10 -6.54 -8.46
CA SER B 109 7.47 -5.13 -8.47
C SER B 109 6.51 -4.36 -7.57
N PHE B 110 5.27 -4.81 -7.49
CA PHE B 110 4.28 -4.15 -6.67
C PHE B 110 4.37 -4.52 -5.19
N SER B 111 4.66 -5.78 -4.87
CA SER B 111 4.69 -6.17 -3.46
C SER B 111 6.01 -6.01 -2.75
N ASN B 112 7.10 -6.01 -3.49
CA ASN B 112 8.41 -5.92 -2.87
C ASN B 112 8.98 -4.53 -2.61
N VAL B 113 8.73 -4.00 -1.41
CA VAL B 113 9.18 -2.67 -1.05
C VAL B 113 10.68 -2.48 -0.80
N SER B 114 11.49 -3.50 -1.05
CA SER B 114 12.92 -3.35 -0.87
C SER B 114 13.51 -2.72 -2.14
N TYR B 115 12.70 -2.67 -3.19
CA TYR B 115 13.10 -2.09 -4.47
C TYR B 115 12.67 -0.64 -4.58
N TYR B 116 13.51 0.18 -5.19
CA TYR B 116 13.16 1.57 -5.47
C TYR B 116 12.34 1.36 -6.74
N THR B 117 11.35 2.20 -7.00
CA THR B 117 10.59 2.04 -8.23
C THR B 117 11.31 2.91 -9.25
N ARG B 118 10.77 2.98 -10.45
CA ARG B 118 11.38 3.84 -11.47
C ARG B 118 10.30 4.30 -12.45
N ILE B 119 10.43 5.56 -12.90
CA ILE B 119 9.45 6.12 -13.81
C ILE B 119 9.60 5.66 -15.24
N LEU B 120 10.82 5.73 -15.76
CA LEU B 120 11.06 5.26 -17.10
C LEU B 120 11.87 3.98 -16.97
N PRO B 121 11.56 2.97 -17.79
CA PRO B 121 12.31 1.72 -17.70
C PRO B 121 13.75 1.98 -18.11
N SER B 122 14.62 1.01 -17.90
CA SER B 122 16.03 1.18 -18.25
C SER B 122 16.26 1.09 -19.74
N VAL B 123 17.47 1.42 -20.16
CA VAL B 123 17.86 1.32 -21.55
C VAL B 123 18.06 -0.18 -21.71
N PRO B 124 17.40 -0.80 -22.70
CA PRO B 124 17.60 -2.24 -22.86
C PRO B 124 19.08 -2.59 -23.00
N ARG B 125 19.55 -3.55 -22.20
CA ARG B 125 20.94 -4.00 -22.20
C ARG B 125 21.50 -4.39 -23.58
N ASP B 126 20.63 -4.56 -24.57
CA ASP B 126 21.08 -4.96 -25.91
C ASP B 126 21.02 -3.82 -26.94
N CYS B 127 21.12 -2.58 -26.47
CA CYS B 127 21.06 -1.45 -27.38
C CYS B 127 22.43 -1.10 -27.95
N PRO B 128 22.46 -0.54 -29.17
CA PRO B 128 23.71 -0.17 -29.83
C PRO B 128 24.61 0.67 -28.92
N THR B 129 24.00 1.61 -28.18
CA THR B 129 24.76 2.47 -27.29
C THR B 129 24.21 2.46 -25.88
N PRO B 130 25.05 2.85 -24.90
CA PRO B 130 24.67 2.89 -23.49
C PRO B 130 23.38 3.66 -23.21
N MET B 131 23.11 4.70 -24.02
CA MET B 131 21.92 5.51 -23.85
C MET B 131 20.79 5.07 -24.79
N GLY B 132 21.04 4.00 -25.53
CA GLY B 132 20.04 3.50 -26.44
C GLY B 132 20.50 3.47 -27.87
N THR B 133 20.32 4.60 -28.56
CA THR B 133 20.69 4.69 -29.97
C THR B 133 21.62 5.85 -30.29
N LYS B 134 21.66 6.86 -29.44
CA LYS B 134 22.50 8.02 -29.70
C LYS B 134 23.77 8.05 -28.84
N GLY B 135 24.72 8.88 -29.25
CA GLY B 135 25.97 9.01 -28.51
C GLY B 135 27.05 8.04 -28.97
N LYS B 136 28.16 8.05 -28.24
CA LYS B 136 29.30 7.19 -28.53
C LYS B 136 29.14 5.85 -27.86
N LYS B 137 29.81 4.83 -28.38
CA LYS B 137 29.74 3.49 -27.81
C LYS B 137 30.18 3.50 -26.35
N GLN B 138 30.81 4.59 -25.94
CA GLN B 138 31.28 4.72 -24.56
C GLN B 138 31.04 6.12 -23.99
N LEU B 139 30.55 6.17 -22.76
CA LEU B 139 30.26 7.42 -22.08
C LEU B 139 31.49 8.06 -21.44
N PRO B 140 31.46 9.38 -21.25
CA PRO B 140 32.54 10.14 -20.64
C PRO B 140 32.92 9.61 -19.26
N ASP B 141 34.21 9.63 -18.95
CA ASP B 141 34.70 9.18 -17.65
C ASP B 141 34.02 9.98 -16.54
N ALA B 142 33.22 9.33 -15.71
CA ALA B 142 32.51 10.00 -14.62
C ALA B 142 33.34 11.03 -13.84
N GLU B 143 34.53 10.65 -13.39
CA GLU B 143 35.35 11.58 -12.63
C GLU B 143 35.75 12.81 -13.44
N PHE B 144 36.10 12.59 -14.71
CA PHE B 144 36.49 13.68 -15.60
C PHE B 144 35.34 14.66 -15.75
N LEU B 145 34.16 14.12 -16.02
CA LEU B 145 32.95 14.91 -16.20
C LEU B 145 32.71 15.72 -14.93
N SER B 146 32.87 15.09 -13.78
CA SER B 146 32.67 15.76 -12.51
C SER B 146 33.69 16.88 -12.27
N ARG B 147 34.97 16.59 -12.51
CA ARG B 147 36.01 17.59 -12.29
C ARG B 147 35.84 18.79 -13.20
N ARG B 148 35.50 18.53 -14.45
CA ARG B 148 35.33 19.57 -15.45
C ARG B 148 34.07 20.42 -15.32
N PHE B 149 32.95 19.82 -14.94
CA PHE B 149 31.69 20.58 -14.87
C PHE B 149 30.96 20.70 -13.55
N LEU B 150 31.38 19.97 -12.52
CA LEU B 150 30.66 20.04 -11.26
C LEU B 150 31.54 20.48 -10.09
N LEU B 151 32.85 20.41 -10.28
CA LEU B 151 33.77 20.78 -9.23
C LEU B 151 33.71 22.29 -8.98
N ARG B 152 33.66 22.67 -7.72
CA ARG B 152 33.63 24.08 -7.36
C ARG B 152 35.02 24.68 -7.58
N ARG B 153 35.05 25.94 -7.97
CA ARG B 153 36.29 26.63 -8.19
C ARG B 153 36.15 27.87 -7.31
N LYS B 154 34.97 28.48 -7.35
CA LYS B 154 34.69 29.66 -6.54
C LYS B 154 33.28 29.49 -5.98
N PHE B 155 33.12 29.58 -4.67
CA PHE B 155 31.82 29.41 -4.06
C PHE B 155 30.77 30.32 -4.69
N ILE B 156 29.67 29.71 -5.13
CA ILE B 156 28.57 30.46 -5.72
C ILE B 156 27.36 30.36 -4.78
N PRO B 157 27.09 31.43 -4.01
CA PRO B 157 25.95 31.40 -3.10
C PRO B 157 24.63 31.30 -3.83
N ASP B 158 23.62 30.74 -3.16
CA ASP B 158 22.30 30.62 -3.77
C ASP B 158 21.63 31.97 -3.88
N PRO B 159 21.41 32.44 -5.12
CA PRO B 159 20.76 33.74 -5.27
C PRO B 159 19.43 33.90 -4.52
N GLN B 160 18.77 32.78 -4.20
CA GLN B 160 17.49 32.88 -3.48
C GLN B 160 17.61 33.02 -1.96
N GLY B 161 18.83 33.14 -1.45
CA GLY B 161 19.02 33.31 -0.01
C GLY B 161 18.99 32.09 0.89
N THR B 162 18.90 30.90 0.31
CA THR B 162 18.88 29.67 1.09
C THR B 162 20.11 29.53 2.00
N ASN B 163 19.88 29.17 3.26
CA ASN B 163 20.98 29.01 4.22
C ASN B 163 21.30 27.55 4.47
N LEU B 164 22.19 27.30 5.44
CA LEU B 164 22.57 25.94 5.78
C LEU B 164 21.54 25.27 6.68
N MET B 165 20.67 26.06 7.29
CA MET B 165 19.63 25.49 8.14
C MET B 165 18.71 24.71 7.21
N PHE B 166 18.54 25.23 6.00
CA PHE B 166 17.71 24.57 5.00
C PHE B 166 18.44 23.36 4.45
N ALA B 167 19.71 23.55 4.07
CA ALA B 167 20.50 22.46 3.51
C ALA B 167 20.48 21.26 4.43
N PHE B 168 20.79 21.49 5.70
CA PHE B 168 20.79 20.38 6.65
C PHE B 168 19.41 19.80 6.87
N PHE B 169 18.38 20.64 6.78
CA PHE B 169 17.03 20.13 6.95
C PHE B 169 16.79 19.14 5.80
N ALA B 170 17.16 19.56 4.60
CA ALA B 170 16.99 18.76 3.39
C ALA B 170 17.69 17.42 3.48
N GLN B 171 18.88 17.41 4.09
CA GLN B 171 19.65 16.20 4.25
C GLN B 171 18.97 15.31 5.28
N HIS B 172 18.66 15.87 6.44
CA HIS B 172 18.00 15.12 7.51
C HIS B 172 16.70 14.49 6.98
N PHE B 173 15.82 15.33 6.47
CA PHE B 173 14.52 14.93 5.93
C PHE B 173 14.58 13.82 4.87
N THR B 174 15.34 14.04 3.81
CA THR B 174 15.41 13.07 2.73
C THR B 174 16.05 11.73 3.11
N HIS B 175 16.97 11.73 4.06
CA HIS B 175 17.61 10.48 4.44
C HIS B 175 16.71 9.58 5.27
N GLN B 176 15.41 9.88 5.26
CA GLN B 176 14.45 9.03 5.97
C GLN B 176 13.82 8.14 4.91
N PHE B 177 13.80 8.60 3.65
CA PHE B 177 13.25 7.81 2.55
C PHE B 177 14.27 7.47 1.45
N PHE B 178 15.52 7.91 1.64
CA PHE B 178 16.61 7.60 0.70
C PHE B 178 17.67 6.87 1.52
N LYS B 179 17.64 5.53 1.52
CA LYS B 179 18.60 4.74 2.26
C LYS B 179 19.01 3.54 1.41
N THR B 180 19.89 3.78 0.46
CA THR B 180 20.33 2.73 -0.43
C THR B 180 21.10 1.64 0.31
N SER B 181 20.71 0.40 0.06
CA SER B 181 21.31 -0.77 0.69
C SER B 181 22.68 -1.12 0.11
N GLY B 182 23.72 -0.96 0.93
CA GLY B 182 25.06 -1.28 0.49
C GLY B 182 25.22 -2.76 0.20
N LYS B 183 24.60 -3.61 1.03
CA LYS B 183 24.70 -5.06 0.85
C LYS B 183 23.88 -5.58 -0.33
N MET B 184 22.69 -5.03 -0.52
CA MET B 184 21.85 -5.48 -1.62
C MET B 184 22.20 -4.88 -2.98
N GLY B 185 22.84 -3.71 -2.97
CA GLY B 185 23.21 -3.09 -4.23
C GLY B 185 22.32 -1.95 -4.67
N PRO B 186 22.65 -1.27 -5.77
CA PRO B 186 21.81 -0.16 -6.24
C PRO B 186 20.44 -0.67 -6.60
N GLY B 187 19.46 0.22 -6.54
CA GLY B 187 18.10 -0.18 -6.85
C GLY B 187 17.40 -0.72 -5.61
N PHE B 188 18.13 -0.86 -4.52
CA PHE B 188 17.55 -1.35 -3.28
C PHE B 188 17.63 -0.35 -2.13
N THR B 189 16.63 -0.40 -1.26
CA THR B 189 16.54 0.52 -0.12
C THR B 189 16.16 -0.20 1.17
N LYS B 190 16.54 0.40 2.29
CA LYS B 190 16.22 -0.17 3.60
C LYS B 190 15.12 0.68 4.21
N ALA B 191 14.88 1.83 3.60
CA ALA B 191 13.85 2.73 4.07
C ALA B 191 12.48 2.30 3.58
N LEU B 192 12.06 1.10 3.96
CA LEU B 192 10.73 0.61 3.57
C LEU B 192 9.88 1.75 4.12
N GLY B 193 8.65 1.92 3.71
CA GLY B 193 7.96 3.09 4.24
C GLY B 193 7.86 4.04 3.05
N HIS B 194 8.96 4.19 2.33
CA HIS B 194 8.98 4.99 1.12
C HIS B 194 8.30 6.35 1.27
N GLY B 195 8.72 7.13 2.26
CA GLY B 195 8.11 8.42 2.42
C GLY B 195 8.35 9.04 3.77
N VAL B 196 7.47 9.97 4.13
CA VAL B 196 7.61 10.64 5.40
C VAL B 196 7.01 9.80 6.50
N ASP B 197 7.82 8.88 7.02
CA ASP B 197 7.38 8.00 8.09
C ASP B 197 8.22 8.29 9.34
N LEU B 198 9.11 9.27 9.21
CA LEU B 198 10.00 9.66 10.30
C LEU B 198 10.88 8.51 10.81
N GLY B 199 11.22 7.58 9.91
CA GLY B 199 12.07 6.47 10.30
C GLY B 199 13.49 6.89 10.66
N HIS B 200 13.87 8.12 10.30
CA HIS B 200 15.20 8.60 10.62
C HIS B 200 15.21 9.08 12.06
N ILE B 201 14.04 9.04 12.68
CA ILE B 201 13.88 9.41 14.08
C ILE B 201 13.53 8.19 14.93
N TYR B 202 12.57 7.40 14.46
CA TYR B 202 12.11 6.22 15.20
C TYR B 202 12.77 4.90 14.79
N GLY B 203 13.41 4.90 13.62
CA GLY B 203 14.07 3.70 13.13
C GLY B 203 13.30 3.08 11.99
N ASP B 204 13.99 2.35 11.11
CA ASP B 204 13.33 1.73 9.97
C ASP B 204 12.88 0.30 10.24
N ASN B 205 13.07 -0.15 11.47
CA ASN B 205 12.62 -1.48 11.87
C ASN B 205 12.16 -1.40 13.33
N LEU B 206 11.21 -2.25 13.69
CA LEU B 206 10.66 -2.28 15.03
C LEU B 206 11.68 -2.44 16.16
N GLU B 207 12.57 -3.41 16.04
CA GLU B 207 13.53 -3.65 17.12
C GLU B 207 14.41 -2.45 17.44
N ARG B 208 14.77 -1.69 16.41
CA ARG B 208 15.61 -0.51 16.61
C ARG B 208 14.76 0.49 17.37
N GLN B 209 13.51 0.65 16.95
CA GLN B 209 12.58 1.57 17.59
C GLN B 209 12.43 1.24 19.07
N TYR B 210 12.31 -0.05 19.37
CA TYR B 210 12.17 -0.51 20.75
C TYR B 210 13.39 -0.20 21.58
N GLN B 211 14.56 -0.21 20.93
CA GLN B 211 15.80 0.04 21.63
C GLN B 211 16.00 1.54 21.85
N LEU B 212 15.29 2.35 21.07
CA LEU B 212 15.37 3.79 21.15
C LEU B 212 14.33 4.35 22.13
N ARG B 213 13.23 3.62 22.31
CA ARG B 213 12.14 4.05 23.21
C ARG B 213 12.39 3.84 24.69
N LEU B 214 11.85 4.75 25.50
CA LEU B 214 11.98 4.69 26.95
C LEU B 214 10.92 3.76 27.53
N PHE B 215 9.80 3.65 26.82
CA PHE B 215 8.66 2.84 27.23
C PHE B 215 7.99 3.40 28.46
N LYS B 216 8.07 4.73 28.56
CA LYS B 216 7.44 5.45 29.65
C LYS B 216 6.92 6.75 29.05
N ASP B 217 5.63 7.02 29.24
CA ASP B 217 5.01 8.24 28.73
C ASP B 217 5.11 8.34 27.22
N GLY B 218 5.30 7.19 26.58
CA GLY B 218 5.41 7.13 25.14
C GLY B 218 6.62 7.89 24.61
N LYS B 219 7.55 8.19 25.50
CA LYS B 219 8.74 8.96 25.13
C LYS B 219 9.91 8.19 24.54
N LEU B 220 10.86 8.97 24.03
CA LEU B 220 12.08 8.48 23.42
C LEU B 220 13.21 8.65 24.46
N LYS B 221 14.16 7.70 24.50
CA LYS B 221 15.29 7.79 25.42
C LYS B 221 16.11 9.06 25.20
N TYR B 222 16.81 9.50 26.24
CA TYR B 222 17.63 10.71 26.15
C TYR B 222 18.59 10.81 27.34
N GLN B 223 19.53 11.74 27.24
CA GLN B 223 20.52 11.96 28.28
C GLN B 223 20.67 13.45 28.49
N MET B 224 21.04 13.85 29.72
CA MET B 224 21.23 15.26 30.02
C MET B 224 22.71 15.63 29.94
N LEU B 225 22.99 16.76 29.30
CA LEU B 225 24.35 17.25 29.17
C LEU B 225 24.26 18.75 29.26
N ASN B 226 25.04 19.35 30.17
CA ASN B 226 25.03 20.79 30.35
C ASN B 226 23.58 21.26 30.60
N GLY B 227 22.79 20.41 31.25
CA GLY B 227 21.41 20.75 31.53
C GLY B 227 20.49 20.76 30.31
N GLU B 228 20.99 20.19 29.20
CA GLU B 228 20.22 20.14 27.96
C GLU B 228 19.88 18.69 27.57
N VAL B 229 18.82 18.54 26.78
CA VAL B 229 18.39 17.21 26.34
C VAL B 229 19.01 16.81 25.01
N TYR B 230 19.65 15.66 24.98
CA TYR B 230 20.26 15.16 23.76
C TYR B 230 19.92 13.69 23.61
N PRO B 231 20.12 13.14 22.40
CA PRO B 231 19.84 11.73 22.16
C PRO B 231 20.68 10.92 23.14
N PRO B 232 20.22 9.72 23.51
CA PRO B 232 20.96 8.88 24.45
C PRO B 232 22.24 8.34 23.81
N SER B 233 23.07 7.68 24.61
CA SER B 233 24.30 7.10 24.09
C SER B 233 23.95 5.70 23.59
N VAL B 234 24.84 5.10 22.79
CA VAL B 234 24.60 3.77 22.29
C VAL B 234 24.72 2.77 23.43
N GLU B 235 25.33 3.21 24.52
CA GLU B 235 25.49 2.34 25.67
C GLU B 235 24.12 2.18 26.35
N GLU B 236 23.29 3.23 26.28
CA GLU B 236 21.96 3.20 26.87
C GLU B 236 20.89 2.77 25.84
N ALA B 237 21.21 2.93 24.55
CA ALA B 237 20.31 2.53 23.48
C ALA B 237 21.16 1.76 22.45
N PRO B 238 21.42 0.47 22.74
CA PRO B 238 22.21 -0.45 21.91
C PRO B 238 21.71 -0.59 20.47
N VAL B 239 22.01 0.41 19.66
CA VAL B 239 21.59 0.43 18.27
C VAL B 239 22.82 0.67 17.36
N LEU B 240 22.83 0.03 16.20
CA LEU B 240 23.93 0.16 15.25
C LEU B 240 24.03 1.57 14.68
N MET B 241 25.12 2.26 15.00
CA MET B 241 25.37 3.62 14.52
C MET B 241 26.70 3.56 13.77
N HIS B 242 26.79 4.24 12.63
CA HIS B 242 28.02 4.22 11.86
C HIS B 242 28.98 5.29 12.36
N TYR B 243 29.99 4.87 13.10
CA TYR B 243 31.02 5.77 13.65
C TYR B 243 32.37 5.18 13.30
N PRO B 244 33.42 6.00 13.27
CA PRO B 244 34.76 5.48 12.95
C PRO B 244 35.17 4.43 13.97
N ARG B 245 35.91 3.41 13.53
CA ARG B 245 36.35 2.39 14.46
C ARG B 245 37.17 3.08 15.53
N GLY B 246 36.98 2.67 16.78
CA GLY B 246 37.74 3.29 17.85
C GLY B 246 36.90 4.14 18.78
N ILE B 247 35.79 4.67 18.26
CA ILE B 247 34.89 5.48 19.09
C ILE B 247 34.03 4.52 19.89
N PRO B 248 34.22 4.50 21.22
CA PRO B 248 33.45 3.60 22.08
C PRO B 248 31.96 3.96 22.14
N PRO B 249 31.12 2.99 22.50
CA PRO B 249 29.66 3.16 22.61
C PRO B 249 29.24 4.28 23.56
N GLN B 250 30.01 4.50 24.62
CA GLN B 250 29.68 5.55 25.58
C GLN B 250 29.68 6.91 24.89
N SER B 251 30.47 7.03 23.83
CA SER B 251 30.60 8.31 23.14
C SER B 251 29.83 8.49 21.84
N GLN B 252 28.93 7.55 21.54
CA GLN B 252 28.11 7.64 20.33
C GLN B 252 26.70 8.11 20.70
N MET B 253 25.98 8.65 19.73
CA MET B 253 24.60 9.08 19.99
C MET B 253 23.70 8.21 19.13
N ALA B 254 22.71 7.58 19.76
CA ALA B 254 21.77 6.71 19.03
C ALA B 254 20.58 7.54 18.54
N VAL B 255 20.27 7.49 17.25
CA VAL B 255 19.15 8.30 16.76
C VAL B 255 18.10 7.76 15.82
N GLY B 256 18.33 6.64 15.16
CA GLY B 256 17.25 6.18 14.26
C GLY B 256 17.82 5.92 12.89
N GLN B 257 18.55 6.91 12.39
CA GLN B 257 19.23 6.80 11.11
C GLN B 257 20.71 6.57 11.48
N GLU B 258 21.20 5.36 11.21
CA GLU B 258 22.56 4.95 11.53
C GLU B 258 23.69 5.87 11.06
N VAL B 259 23.43 6.61 9.99
CA VAL B 259 24.43 7.45 9.38
C VAL B 259 24.56 8.88 9.92
N PHE B 260 23.62 9.29 10.77
CA PHE B 260 23.60 10.64 11.30
C PHE B 260 24.72 11.10 12.22
N GLY B 261 25.43 10.18 12.85
CA GLY B 261 26.50 10.61 13.74
C GLY B 261 27.64 11.27 13.00
N LEU B 262 27.57 11.20 11.67
CA LEU B 262 28.61 11.73 10.80
C LEU B 262 28.57 13.23 10.51
N LEU B 263 27.64 13.97 11.10
CA LEU B 263 27.55 15.41 10.86
C LEU B 263 26.80 16.14 11.96
N PRO B 264 27.41 17.18 12.54
CA PRO B 264 26.72 17.93 13.60
C PRO B 264 25.37 18.44 13.12
N GLY B 265 25.34 18.98 11.90
CA GLY B 265 24.09 19.50 11.35
C GLY B 265 22.99 18.47 11.35
N LEU B 266 23.34 17.23 11.05
CA LEU B 266 22.38 16.14 11.03
C LEU B 266 21.93 15.78 12.44
N MET B 267 22.88 15.62 13.36
CA MET B 267 22.55 15.26 14.73
C MET B 267 21.79 16.40 15.41
N LEU B 268 21.97 17.61 14.88
CA LEU B 268 21.29 18.80 15.41
C LEU B 268 19.79 18.56 15.24
N TYR B 269 19.38 18.26 14.01
CA TYR B 269 17.99 17.99 13.72
C TYR B 269 17.50 16.76 14.47
N ALA B 270 18.37 15.79 14.63
CA ALA B 270 18.01 14.57 15.34
C ALA B 270 17.62 14.98 16.75
N THR B 271 18.34 15.96 17.28
CA THR B 271 18.11 16.46 18.62
C THR B 271 16.79 17.23 18.70
N ILE B 272 16.61 18.20 17.80
CA ILE B 272 15.39 18.98 17.80
C ILE B 272 14.14 18.10 17.76
N TRP B 273 14.05 17.23 16.76
CA TRP B 273 12.89 16.36 16.65
C TRP B 273 12.68 15.44 17.87
N LEU B 274 13.77 14.99 18.48
CA LEU B 274 13.66 14.12 19.65
C LEU B 274 12.98 14.92 20.76
N ARG B 275 13.46 16.14 20.98
CA ARG B 275 12.86 16.98 22.00
C ARG B 275 11.39 17.28 21.69
N GLU B 276 11.05 17.37 20.41
CA GLU B 276 9.69 17.64 19.97
C GLU B 276 8.75 16.46 20.24
N HIS B 277 9.24 15.25 19.99
CA HIS B 277 8.43 14.07 20.22
C HIS B 277 8.08 13.98 21.69
N ASN B 278 9.08 14.11 22.56
CA ASN B 278 8.84 14.02 24.00
C ASN B 278 7.96 15.15 24.52
N ARG B 279 8.05 16.31 23.89
CA ARG B 279 7.24 17.45 24.29
C ARG B 279 5.77 17.12 23.99
N VAL B 280 5.52 16.70 22.75
CA VAL B 280 4.17 16.33 22.31
C VAL B 280 3.60 15.26 23.26
N CYS B 281 4.44 14.34 23.71
CA CYS B 281 3.97 13.31 24.63
C CYS B 281 3.40 13.95 25.88
N ASP B 282 4.13 14.92 26.45
CA ASP B 282 3.67 15.60 27.65
C ASP B 282 2.28 16.19 27.40
N LEU B 283 2.12 16.95 26.33
CA LEU B 283 0.84 17.56 25.99
C LEU B 283 -0.24 16.50 25.88
N LEU B 284 0.10 15.36 25.29
CA LEU B 284 -0.86 14.28 25.12
C LEU B 284 -1.31 13.69 26.45
N LYS B 285 -0.37 13.40 27.35
CA LYS B 285 -0.71 12.82 28.64
C LYS B 285 -1.62 13.75 29.45
N ALA B 286 -1.42 15.05 29.30
CA ALA B 286 -2.22 16.02 30.02
C ALA B 286 -3.68 15.87 29.58
N GLU B 287 -3.85 15.60 28.29
CA GLU B 287 -5.16 15.44 27.68
C GLU B 287 -5.75 14.05 27.92
N HIS B 288 -4.89 13.04 27.98
CA HIS B 288 -5.36 11.67 28.18
C HIS B 288 -4.63 10.90 29.26
N PRO B 289 -4.90 11.24 30.53
CA PRO B 289 -4.25 10.56 31.66
C PRO B 289 -4.42 9.05 31.64
N THR B 290 -5.48 8.54 31.01
CA THR B 290 -5.72 7.09 30.99
C THR B 290 -4.92 6.31 29.93
N TRP B 291 -4.28 7.02 28.99
CA TRP B 291 -3.51 6.36 27.94
C TRP B 291 -2.22 5.73 28.45
N GLY B 292 -1.77 4.71 27.74
CA GLY B 292 -0.54 4.04 28.11
C GLY B 292 0.62 4.55 27.29
N ASP B 293 1.74 3.87 27.39
CA ASP B 293 2.93 4.25 26.67
C ASP B 293 2.77 4.05 25.16
N GLU B 294 2.24 2.90 24.74
CA GLU B 294 2.05 2.65 23.31
C GLU B 294 1.26 3.74 22.57
N GLN B 295 0.06 4.06 23.07
CA GLN B 295 -0.76 5.05 22.42
C GLN B 295 -0.13 6.44 22.48
N LEU B 296 0.53 6.76 23.58
CA LEU B 296 1.18 8.07 23.68
C LEU B 296 2.25 8.16 22.61
N PHE B 297 3.06 7.12 22.49
CA PHE B 297 4.13 7.08 21.50
C PHE B 297 3.60 7.15 20.07
N GLN B 298 2.71 6.23 19.73
CA GLN B 298 2.12 6.17 18.39
C GLN B 298 1.48 7.49 17.98
N THR B 299 0.60 8.02 18.83
CA THR B 299 -0.07 9.28 18.55
C THR B 299 0.92 10.43 18.41
N ALA B 300 1.95 10.42 19.24
CA ALA B 300 2.95 11.48 19.18
C ALA B 300 3.64 11.38 17.80
N ARG B 301 3.94 10.15 17.37
CA ARG B 301 4.58 9.94 16.08
C ARG B 301 3.74 10.53 14.94
N LEU B 302 2.44 10.21 14.92
CA LEU B 302 1.57 10.73 13.86
C LEU B 302 1.57 12.27 13.84
N ILE B 303 1.63 12.88 15.01
CA ILE B 303 1.63 14.33 15.07
C ILE B 303 2.89 14.91 14.44
N LEU B 304 4.02 14.27 14.71
CA LEU B 304 5.27 14.73 14.13
C LEU B 304 5.28 14.54 12.62
N ILE B 305 4.70 13.45 12.15
CA ILE B 305 4.66 13.24 10.71
C ILE B 305 3.92 14.44 10.11
N GLY B 306 2.78 14.77 10.71
CA GLY B 306 1.98 15.90 10.26
C GLY B 306 2.75 17.21 10.29
N GLU B 307 3.47 17.46 11.37
CA GLU B 307 4.26 18.69 11.47
C GLU B 307 5.23 18.73 10.32
N THR B 308 5.94 17.62 10.12
CA THR B 308 6.94 17.49 9.07
C THR B 308 6.39 17.85 7.69
N ILE B 309 5.26 17.26 7.33
CA ILE B 309 4.65 17.54 6.02
C ILE B 309 4.22 18.99 5.94
N LYS B 310 3.71 19.51 7.04
CA LYS B 310 3.26 20.89 7.14
C LYS B 310 4.42 21.84 6.83
N ILE B 311 5.49 21.73 7.62
CA ILE B 311 6.64 22.59 7.44
C ILE B 311 7.31 22.43 6.08
N VAL B 312 7.35 21.20 5.56
CA VAL B 312 7.99 20.97 4.26
C VAL B 312 7.25 21.66 3.11
N ILE B 313 5.93 21.63 3.15
CA ILE B 313 5.17 22.27 2.08
C ILE B 313 5.12 23.78 2.23
N GLU B 314 4.76 24.26 3.41
CA GLU B 314 4.62 25.69 3.63
C GLU B 314 5.86 26.54 3.87
N GLU B 315 7.00 25.93 4.17
CA GLU B 315 8.20 26.72 4.37
C GLU B 315 9.35 26.21 3.51
N TYR B 316 9.57 24.90 3.57
CA TYR B 316 10.65 24.25 2.81
C TYR B 316 10.48 24.46 1.31
N VAL B 317 9.39 23.94 0.76
CA VAL B 317 9.12 24.07 -0.67
C VAL B 317 8.91 25.55 -1.04
N GLN B 318 8.26 26.32 -0.17
CA GLN B 318 8.04 27.73 -0.44
C GLN B 318 9.41 28.38 -0.69
N GLN B 319 10.37 28.09 0.17
CA GLN B 319 11.71 28.66 0.01
C GLN B 319 12.32 28.30 -1.33
N LEU B 320 12.21 27.03 -1.71
CA LEU B 320 12.76 26.58 -2.99
C LEU B 320 12.10 27.19 -4.21
N SER B 321 10.76 27.19 -4.23
CA SER B 321 10.01 27.70 -5.38
C SER B 321 10.16 29.19 -5.62
N GLY B 322 10.22 29.97 -4.54
CA GLY B 322 10.32 31.40 -4.69
C GLY B 322 9.03 31.99 -5.25
N TYR B 323 7.94 31.22 -5.17
CA TYR B 323 6.64 31.65 -5.69
C TYR B 323 6.00 32.70 -4.79
N PHE B 324 5.19 33.57 -5.40
CA PHE B 324 4.50 34.60 -4.64
C PHE B 324 3.20 33.98 -4.14
N LEU B 325 2.86 32.83 -4.71
CA LEU B 325 1.68 32.09 -4.31
C LEU B 325 2.03 31.41 -3.00
N GLN B 326 1.16 31.52 -1.99
CA GLN B 326 1.49 30.88 -0.73
C GLN B 326 1.01 29.42 -0.74
N LEU B 327 1.96 28.51 -0.84
CA LEU B 327 1.64 27.09 -0.84
C LEU B 327 0.88 26.74 0.42
N LYS B 328 0.09 25.68 0.37
CA LYS B 328 -0.71 25.32 1.53
C LYS B 328 -0.79 23.82 1.74
N PHE B 329 -0.64 23.40 2.98
CA PHE B 329 -0.78 22.00 3.32
C PHE B 329 -2.16 21.81 3.92
N ASP B 330 -3.05 21.22 3.13
CA ASP B 330 -4.41 20.96 3.56
C ASP B 330 -4.92 19.72 2.81
N PRO B 331 -4.84 18.55 3.45
CA PRO B 331 -5.29 17.30 2.84
C PRO B 331 -6.70 17.39 2.24
N GLU B 332 -7.60 18.13 2.87
CA GLU B 332 -8.96 18.23 2.35
C GLU B 332 -9.04 18.68 0.90
N LEU B 333 -8.01 19.37 0.42
CA LEU B 333 -8.00 19.87 -0.96
C LEU B 333 -8.12 18.75 -1.99
N LEU B 334 -7.75 17.54 -1.62
CA LEU B 334 -7.82 16.41 -2.54
C LEU B 334 -8.98 15.47 -2.26
N PHE B 335 -9.78 15.79 -1.25
CA PHE B 335 -10.90 14.92 -0.89
C PHE B 335 -11.89 14.71 -2.03
N GLY B 336 -12.00 15.69 -2.92
CA GLY B 336 -12.90 15.55 -4.04
C GLY B 336 -12.22 15.00 -5.28
N ALA B 337 -10.92 14.75 -5.17
CA ALA B 337 -10.14 14.23 -6.30
C ALA B 337 -9.91 12.73 -6.23
N GLN B 338 -9.48 12.18 -7.36
CA GLN B 338 -9.14 10.77 -7.45
C GLN B 338 -7.64 10.75 -7.19
N PHE B 339 -7.27 10.30 -6.00
CA PHE B 339 -5.87 10.29 -5.57
C PHE B 339 -5.57 9.03 -4.76
N GLN B 340 -4.43 8.40 -5.02
CA GLN B 340 -4.05 7.20 -4.28
C GLN B 340 -3.13 7.62 -3.12
N TYR B 341 -3.54 7.34 -1.89
CA TYR B 341 -2.74 7.70 -0.72
C TYR B 341 -1.62 6.71 -0.39
N ARG B 342 -0.75 6.49 -1.37
CA ARG B 342 0.38 5.60 -1.19
C ARG B 342 1.51 6.25 -1.98
N ASN B 343 2.76 5.87 -1.68
CA ASN B 343 3.91 6.42 -2.38
C ASN B 343 5.02 5.39 -2.44
N ARG B 344 5.83 5.46 -3.49
CA ARG B 344 6.96 4.54 -3.61
C ARG B 344 8.14 5.34 -4.15
N ILE B 345 9.25 5.32 -3.42
CA ILE B 345 10.42 6.08 -3.84
C ILE B 345 11.05 5.59 -5.13
N ALA B 346 11.28 6.53 -6.04
CA ALA B 346 11.88 6.23 -7.34
C ALA B 346 13.39 6.48 -7.34
N MET B 347 14.13 5.65 -8.05
CA MET B 347 15.56 5.82 -8.12
C MET B 347 15.90 7.18 -8.72
N GLU B 348 15.04 7.67 -9.62
CA GLU B 348 15.29 8.97 -10.24
C GLU B 348 15.19 10.09 -9.22
N PHE B 349 14.21 9.97 -8.33
CA PHE B 349 14.02 10.97 -7.29
C PHE B 349 15.27 10.96 -6.39
N ASN B 350 15.87 9.79 -6.20
CA ASN B 350 17.07 9.69 -5.36
C ASN B 350 18.21 10.48 -5.99
N GLN B 351 18.46 10.22 -7.27
CA GLN B 351 19.52 10.89 -8.01
C GLN B 351 19.30 12.39 -7.99
N LEU B 352 18.11 12.80 -8.43
CA LEU B 352 17.74 14.22 -8.49
C LEU B 352 17.96 14.95 -7.19
N TYR B 353 17.74 14.27 -6.07
CA TYR B 353 17.90 14.90 -4.77
C TYR B 353 19.32 15.01 -4.23
N HIS B 354 20.32 14.67 -5.02
CA HIS B 354 21.70 14.81 -4.54
C HIS B 354 22.08 16.28 -4.64
N TRP B 355 21.80 17.04 -3.60
CA TRP B 355 22.09 18.48 -3.61
C TRP B 355 23.35 18.89 -2.87
N HIS B 356 24.43 18.16 -3.10
CA HIS B 356 25.70 18.46 -2.44
C HIS B 356 26.25 19.86 -2.72
N PRO B 357 25.86 20.47 -3.85
CA PRO B 357 26.38 21.82 -4.13
C PRO B 357 26.00 22.82 -3.01
N LEU B 358 24.97 22.49 -2.24
CA LEU B 358 24.52 23.36 -1.15
C LEU B 358 25.60 23.56 -0.09
N MET B 359 26.45 22.55 0.12
CA MET B 359 27.48 22.67 1.14
C MET B 359 28.55 23.72 0.83
N PRO B 360 28.99 24.46 1.86
CA PRO B 360 29.98 25.54 1.78
C PRO B 360 31.44 25.08 1.73
N ASP B 361 32.35 26.06 1.63
CA ASP B 361 33.78 25.78 1.62
C ASP B 361 34.20 25.42 3.04
N SER B 362 33.45 25.92 4.02
CA SER B 362 33.72 25.65 5.43
C SER B 362 32.50 26.03 6.25
N PHE B 363 32.50 25.69 7.54
CA PHE B 363 31.36 25.96 8.41
C PHE B 363 31.63 26.97 9.51
N ARG B 364 31.07 28.16 9.33
CA ARG B 364 31.25 29.23 10.29
C ARG B 364 30.27 29.19 11.44
N VAL B 365 30.80 29.22 12.66
CA VAL B 365 29.99 29.23 13.87
C VAL B 365 30.59 30.31 14.75
N GLY B 366 29.89 31.44 14.85
CA GLY B 366 30.40 32.54 15.62
C GLY B 366 31.69 33.03 14.99
N PRO B 367 32.65 33.48 15.81
CA PRO B 367 33.92 33.95 15.26
C PRO B 367 34.74 32.81 14.65
N GLN B 368 34.35 31.58 14.97
CA GLN B 368 35.05 30.40 14.48
C GLN B 368 34.63 29.94 13.09
N ASP B 369 35.59 29.39 12.37
CA ASP B 369 35.36 28.88 11.03
C ASP B 369 35.93 27.46 10.97
N TYR B 370 35.06 26.48 10.88
CA TYR B 370 35.48 25.08 10.85
C TYR B 370 35.59 24.49 9.45
N SER B 371 36.59 23.64 9.26
CA SER B 371 36.82 23.01 7.98
C SER B 371 36.11 21.65 8.00
N TYR B 372 36.06 21.01 6.84
CA TYR B 372 35.44 19.71 6.70
C TYR B 372 36.09 18.70 7.62
N GLU B 373 37.42 18.77 7.69
CA GLU B 373 38.18 17.86 8.52
C GLU B 373 37.82 18.03 10.00
N GLN B 374 37.45 19.24 10.39
CA GLN B 374 37.05 19.49 11.78
C GLN B 374 35.56 19.23 12.01
N PHE B 375 34.79 19.33 10.93
CA PHE B 375 33.35 19.18 10.99
C PHE B 375 32.78 17.76 10.90
N LEU B 376 33.17 17.04 9.86
CA LEU B 376 32.65 15.70 9.58
C LEU B 376 32.45 14.64 10.69
N PHE B 377 33.45 14.32 11.50
CA PHE B 377 33.14 13.32 12.52
C PHE B 377 33.25 13.86 13.92
N ASN B 378 33.05 15.17 14.03
CA ASN B 378 33.15 15.84 15.31
C ASN B 378 32.12 15.23 16.27
N THR B 379 32.59 14.66 17.37
CA THR B 379 31.66 14.07 18.33
C THR B 379 31.35 14.94 19.53
N SER B 380 31.62 16.25 19.43
CA SER B 380 31.36 17.14 20.55
C SER B 380 30.80 18.51 20.19
N MET B 381 30.96 18.93 18.93
CA MET B 381 30.47 20.23 18.53
C MET B 381 29.02 20.51 18.90
N LEU B 382 28.11 19.59 18.56
CA LEU B 382 26.70 19.75 18.90
C LEU B 382 26.49 20.09 20.38
N VAL B 383 27.16 19.35 21.26
CA VAL B 383 27.03 19.58 22.69
C VAL B 383 27.86 20.80 23.15
N ASP B 384 29.03 21.01 22.54
CA ASP B 384 29.86 22.16 22.89
C ASP B 384 29.01 23.44 22.79
N TYR B 385 28.35 23.62 21.65
CA TYR B 385 27.53 24.80 21.38
C TYR B 385 26.04 24.70 21.75
N GLY B 386 25.46 23.52 21.62
CA GLY B 386 24.05 23.38 21.92
C GLY B 386 23.21 23.73 20.70
N VAL B 387 21.92 23.38 20.75
CA VAL B 387 21.00 23.62 19.65
C VAL B 387 20.89 25.07 19.15
N GLU B 388 20.48 25.98 20.02
CA GLU B 388 20.32 27.40 19.65
C GLU B 388 21.51 27.99 18.90
N ALA B 389 22.70 27.82 19.46
CA ALA B 389 23.92 28.36 18.85
C ALA B 389 24.12 27.85 17.42
N LEU B 390 23.98 26.54 17.23
CA LEU B 390 24.17 25.97 15.90
C LEU B 390 23.07 26.40 14.95
N VAL B 391 21.83 26.45 15.43
CA VAL B 391 20.74 26.86 14.56
C VAL B 391 20.99 28.29 14.09
N ASP B 392 21.40 29.15 15.02
CA ASP B 392 21.66 30.53 14.66
C ASP B 392 22.72 30.60 13.56
N ALA B 393 23.81 29.85 13.75
CA ALA B 393 24.90 29.83 12.80
C ALA B 393 24.45 29.29 11.43
N PHE B 394 23.84 28.11 11.43
CA PHE B 394 23.39 27.53 10.17
C PHE B 394 22.32 28.37 9.47
N SER B 395 21.52 29.10 10.24
CA SER B 395 20.48 29.94 9.65
C SER B 395 21.09 31.19 9.01
N ARG B 396 22.29 31.55 9.44
CA ARG B 396 22.95 32.75 8.92
C ARG B 396 23.91 32.49 7.76
N GLN B 397 24.38 31.26 7.60
CA GLN B 397 25.33 30.99 6.51
C GLN B 397 24.70 30.53 5.19
N PRO B 398 25.00 31.27 4.12
CA PRO B 398 24.47 30.94 2.78
C PRO B 398 24.90 29.58 2.30
N ALA B 399 24.01 28.93 1.55
CA ALA B 399 24.27 27.63 0.98
C ALA B 399 24.61 27.88 -0.47
N GLY B 400 25.23 26.92 -1.12
CA GLY B 400 25.59 27.12 -2.51
C GLY B 400 24.44 26.95 -3.49
N ARG B 401 24.60 27.51 -4.68
CA ARG B 401 23.56 27.36 -5.69
C ARG B 401 23.64 25.93 -6.16
N ILE B 402 22.48 25.30 -6.38
CA ILE B 402 22.45 23.92 -6.81
C ILE B 402 22.70 23.76 -8.30
N GLY B 403 21.98 24.53 -9.11
CA GLY B 403 22.18 24.42 -10.55
C GLY B 403 23.23 25.38 -11.10
N GLY B 404 23.54 25.22 -12.39
CA GLY B 404 24.51 26.09 -13.01
C GLY B 404 25.87 25.48 -13.25
N GLY B 405 26.19 24.44 -12.48
CA GLY B 405 27.46 23.76 -12.62
C GLY B 405 28.60 24.32 -11.79
N ARG B 406 29.72 23.60 -11.82
CA ARG B 406 30.93 23.97 -11.09
C ARG B 406 30.68 24.54 -9.71
N ASN B 407 29.97 23.83 -8.85
CA ASN B 407 29.74 24.36 -7.51
C ASN B 407 29.69 23.31 -6.39
N ILE B 408 30.34 22.18 -6.60
CA ILE B 408 30.39 21.15 -5.59
C ILE B 408 31.78 21.20 -4.93
N ASP B 409 31.82 21.35 -3.61
CA ASP B 409 33.09 21.40 -2.90
C ASP B 409 33.91 20.14 -3.18
N HIS B 410 35.23 20.30 -3.35
CA HIS B 410 36.10 19.18 -3.66
C HIS B 410 36.08 18.07 -2.62
N HIS B 411 35.79 18.43 -1.36
CA HIS B 411 35.72 17.45 -0.28
C HIS B 411 34.65 16.39 -0.53
N ILE B 412 33.55 16.77 -1.17
CA ILE B 412 32.48 15.80 -1.41
C ILE B 412 32.19 15.48 -2.88
N LEU B 413 33.04 15.96 -3.78
CA LEU B 413 32.88 15.73 -5.21
C LEU B 413 32.73 14.25 -5.57
N HIS B 414 33.28 13.36 -4.73
CA HIS B 414 33.21 11.92 -5.00
C HIS B 414 31.79 11.36 -5.00
N VAL B 415 30.89 11.99 -4.25
CA VAL B 415 29.51 11.53 -4.21
C VAL B 415 28.93 11.66 -5.62
N ALA B 416 29.18 12.80 -6.26
CA ALA B 416 28.69 13.05 -7.62
C ALA B 416 29.25 12.04 -8.60
N VAL B 417 30.52 11.71 -8.45
CA VAL B 417 31.15 10.74 -9.35
C VAL B 417 30.39 9.41 -9.23
N ASP B 418 30.24 8.91 -8.02
CA ASP B 418 29.54 7.65 -7.82
C ASP B 418 28.07 7.74 -8.26
N VAL B 419 27.47 8.91 -8.09
CA VAL B 419 26.08 9.10 -8.52
C VAL B 419 26.00 8.84 -10.03
N ILE B 420 26.92 9.40 -10.79
CA ILE B 420 26.94 9.19 -12.24
C ILE B 420 27.18 7.72 -12.59
N LYS B 421 28.08 7.05 -11.88
CA LYS B 421 28.36 5.65 -12.14
C LYS B 421 27.13 4.79 -11.84
N GLU B 422 26.51 5.04 -10.70
CA GLU B 422 25.31 4.30 -10.31
C GLU B 422 24.28 4.41 -11.45
N SER B 423 24.19 5.62 -11.99
CA SER B 423 23.25 5.91 -13.06
C SER B 423 23.43 4.94 -14.22
N ARG B 424 24.68 4.64 -14.54
CA ARG B 424 24.98 3.74 -15.65
C ARG B 424 24.69 2.30 -15.25
N VAL B 425 24.81 1.99 -13.96
CA VAL B 425 24.52 0.64 -13.51
C VAL B 425 23.01 0.49 -13.52
N LEU B 426 22.30 1.53 -13.10
CA LEU B 426 20.84 1.51 -13.09
C LEU B 426 20.33 1.63 -14.53
N ARG B 427 21.24 2.02 -15.43
CA ARG B 427 20.93 2.20 -16.85
C ARG B 427 19.78 3.17 -17.05
N LEU B 428 19.87 4.31 -16.37
CA LEU B 428 18.88 5.38 -16.47
C LEU B 428 18.80 5.85 -17.92
N GLN B 429 17.60 6.16 -18.40
CA GLN B 429 17.45 6.64 -19.78
C GLN B 429 18.02 8.06 -19.92
N PRO B 430 18.18 8.52 -21.16
CA PRO B 430 18.73 9.88 -21.34
C PRO B 430 17.90 11.03 -20.77
N PHE B 431 18.60 12.11 -20.45
CA PHE B 431 17.98 13.31 -19.91
C PHE B 431 16.78 13.72 -20.76
N ASN B 432 16.99 13.85 -22.07
CA ASN B 432 15.90 14.25 -22.94
C ASN B 432 14.69 13.33 -22.89
N GLU B 433 14.90 12.03 -22.70
CA GLU B 433 13.76 11.16 -22.60
C GLU B 433 13.02 11.46 -21.30
N TYR B 434 13.74 11.94 -20.30
CA TYR B 434 13.10 12.29 -19.02
C TYR B 434 12.42 13.65 -19.13
N ARG B 435 12.99 14.54 -19.93
CA ARG B 435 12.38 15.86 -20.12
C ARG B 435 10.97 15.62 -20.65
N LYS B 436 10.85 14.71 -21.62
CA LYS B 436 9.57 14.40 -22.24
C LYS B 436 8.56 13.74 -21.29
N ARG B 437 9.02 12.72 -20.56
CA ARG B 437 8.16 12.01 -19.62
C ARG B 437 7.57 12.97 -18.57
N PHE B 438 8.23 14.10 -18.37
CA PHE B 438 7.74 15.08 -17.41
C PHE B 438 7.12 16.33 -18.04
N GLY B 439 6.68 16.19 -19.28
CA GLY B 439 6.00 17.27 -19.97
C GLY B 439 6.79 18.37 -20.63
N MET B 440 8.09 18.17 -20.86
CA MET B 440 8.91 19.21 -21.50
C MET B 440 9.47 18.78 -22.86
N LYS B 441 9.77 19.75 -23.70
CA LYS B 441 10.34 19.46 -25.01
C LYS B 441 11.82 19.13 -24.80
N PRO B 442 12.34 18.13 -25.53
CA PRO B 442 13.75 17.78 -25.36
C PRO B 442 14.67 18.91 -25.82
N TYR B 443 15.89 18.95 -25.31
CA TYR B 443 16.82 19.98 -25.73
C TYR B 443 17.40 19.58 -27.08
N THR B 444 17.43 20.53 -28.02
CA THR B 444 17.94 20.24 -29.35
C THR B 444 19.45 20.38 -29.43
N SER B 445 20.08 20.91 -28.38
CA SER B 445 21.53 21.07 -28.38
C SER B 445 22.08 21.43 -27.00
N PHE B 446 23.39 21.24 -26.81
CA PHE B 446 24.02 21.55 -25.54
C PHE B 446 24.00 23.05 -25.23
N GLN B 447 24.04 23.87 -26.26
CA GLN B 447 24.04 25.32 -26.06
C GLN B 447 22.65 25.76 -25.60
N GLU B 448 21.65 24.95 -25.90
CA GLU B 448 20.30 25.28 -25.48
C GLU B 448 20.16 24.87 -24.02
N LEU B 449 20.76 23.73 -23.67
CA LEU B 449 20.74 23.22 -22.31
C LEU B 449 21.41 24.23 -21.41
N THR B 450 22.70 24.47 -21.66
CA THR B 450 23.45 25.45 -20.88
C THR B 450 22.99 26.75 -21.53
N GLY B 451 23.17 27.88 -20.88
CA GLY B 451 22.72 29.09 -21.56
C GLY B 451 23.90 29.72 -22.25
N GLU B 452 24.96 28.95 -22.45
CA GLU B 452 26.17 29.49 -23.05
C GLU B 452 26.84 28.69 -24.17
N LYS B 453 28.15 28.86 -24.32
CA LYS B 453 28.88 28.19 -25.38
C LYS B 453 30.13 27.41 -24.98
N GLU B 454 30.86 27.90 -23.98
CA GLU B 454 32.08 27.22 -23.55
C GLU B 454 31.82 25.77 -23.09
N MET B 455 31.10 25.60 -21.99
CA MET B 455 30.80 24.25 -21.49
C MET B 455 30.02 23.44 -22.50
N ALA B 456 29.09 24.11 -23.19
CA ALA B 456 28.27 23.45 -24.20
C ALA B 456 29.15 22.76 -25.25
N ALA B 457 30.19 23.45 -25.70
CA ALA B 457 31.08 22.88 -26.71
C ALA B 457 31.83 21.67 -26.20
N GLU B 458 32.36 21.75 -24.98
CA GLU B 458 33.10 20.63 -24.42
C GLU B 458 32.17 19.44 -24.20
N LEU B 459 30.97 19.72 -23.71
CA LEU B 459 29.99 18.66 -23.48
C LEU B 459 29.61 18.00 -24.81
N GLU B 460 29.44 18.79 -25.86
CA GLU B 460 29.08 18.23 -27.15
C GLU B 460 30.16 17.30 -27.68
N GLU B 461 31.41 17.68 -27.47
CA GLU B 461 32.52 16.87 -27.94
C GLU B 461 32.60 15.57 -27.17
N LEU B 462 32.39 15.62 -25.85
CA LEU B 462 32.43 14.44 -25.02
C LEU B 462 31.25 13.50 -25.29
N TYR B 463 30.03 14.02 -25.22
CA TYR B 463 28.84 13.18 -25.43
C TYR B 463 28.55 12.88 -26.90
N GLY B 464 28.89 13.80 -27.79
CA GLY B 464 28.62 13.59 -29.20
C GLY B 464 27.23 14.04 -29.60
N ASP B 465 26.23 13.72 -28.77
CA ASP B 465 24.86 14.10 -29.07
C ASP B 465 24.07 14.48 -27.81
N ILE B 466 23.26 15.52 -27.94
CA ILE B 466 22.44 16.01 -26.84
C ILE B 466 21.54 14.89 -26.30
N ASP B 467 21.15 13.97 -27.18
CA ASP B 467 20.30 12.86 -26.77
C ASP B 467 21.04 11.78 -25.99
N ALA B 468 22.32 12.01 -25.72
CA ALA B 468 23.10 11.04 -24.96
C ALA B 468 23.33 11.56 -23.55
N LEU B 469 23.09 12.84 -23.35
CA LEU B 469 23.23 13.48 -22.04
C LEU B 469 22.49 12.67 -20.97
N GLU B 470 23.17 12.39 -19.86
CA GLU B 470 22.60 11.60 -18.78
C GLU B 470 21.78 12.43 -17.79
N PHE B 471 20.86 11.75 -17.11
CA PHE B 471 19.95 12.36 -16.15
C PHE B 471 20.53 13.42 -15.18
N TYR B 472 21.26 12.96 -14.17
CA TYR B 472 21.84 13.85 -13.16
C TYR B 472 22.71 14.98 -13.75
N PRO B 473 23.63 14.67 -14.68
CA PRO B 473 24.43 15.77 -15.20
C PRO B 473 23.54 16.82 -15.87
N GLY B 474 22.46 16.36 -16.49
CA GLY B 474 21.53 17.28 -17.13
C GLY B 474 20.92 18.22 -16.11
N LEU B 475 20.47 17.66 -15.00
CA LEU B 475 19.87 18.46 -13.94
C LEU B 475 20.81 19.53 -13.38
N LEU B 476 22.06 19.16 -13.13
CA LEU B 476 23.02 20.09 -12.56
C LEU B 476 23.69 21.07 -13.51
N LEU B 477 23.62 20.82 -14.82
CA LEU B 477 24.25 21.70 -15.79
C LEU B 477 23.25 22.58 -16.54
N GLU B 478 21.95 22.32 -16.38
CA GLU B 478 20.92 23.09 -17.05
C GLU B 478 20.96 24.55 -16.62
N LYS B 479 20.71 25.47 -17.55
CA LYS B 479 20.71 26.88 -17.22
C LYS B 479 19.62 27.15 -16.18
N CYS B 480 19.98 27.93 -15.16
CA CYS B 480 19.04 28.25 -14.11
C CYS B 480 18.11 29.38 -14.48
N HIS B 481 16.91 29.35 -13.89
CA HIS B 481 15.94 30.40 -14.10
C HIS B 481 16.64 31.67 -13.59
N PRO B 482 16.16 32.86 -13.98
CA PRO B 482 16.77 34.12 -13.55
C PRO B 482 17.73 34.08 -12.35
N ASN B 483 17.19 34.30 -11.15
CA ASN B 483 17.98 34.27 -9.93
C ASN B 483 17.46 33.09 -9.12
N SER B 484 17.43 31.93 -9.76
CA SER B 484 16.93 30.73 -9.11
C SER B 484 18.03 29.84 -8.60
N ILE B 485 17.66 28.92 -7.72
CA ILE B 485 18.59 28.00 -7.13
C ILE B 485 18.95 26.90 -8.13
N PHE B 486 18.07 26.64 -9.09
CA PHE B 486 18.33 25.64 -10.12
C PHE B 486 17.49 25.80 -11.39
N GLY B 487 17.69 24.88 -12.34
CA GLY B 487 16.97 24.95 -13.60
C GLY B 487 15.51 24.57 -13.53
N GLU B 488 14.80 24.64 -14.65
CA GLU B 488 13.38 24.30 -14.68
C GLU B 488 13.15 22.80 -14.55
N SER B 489 14.05 22.00 -15.13
CA SER B 489 13.90 20.55 -15.07
C SER B 489 13.88 20.06 -13.63
N MET B 490 14.73 20.65 -12.80
CA MET B 490 14.79 20.28 -11.40
C MET B 490 13.40 20.46 -10.78
N ILE B 491 12.70 21.52 -11.18
CA ILE B 491 11.38 21.79 -10.65
C ILE B 491 10.30 20.92 -11.29
N GLU B 492 10.28 20.89 -12.62
CA GLU B 492 9.30 20.11 -13.36
C GLU B 492 9.36 18.61 -13.13
N MET B 493 10.50 18.12 -12.64
CA MET B 493 10.67 16.69 -12.35
C MET B 493 10.60 16.45 -10.85
N GLY B 494 11.18 17.36 -10.06
CA GLY B 494 11.17 17.22 -8.62
C GLY B 494 9.82 17.44 -7.95
N ALA B 495 9.07 18.42 -8.45
CA ALA B 495 7.76 18.73 -7.89
C ALA B 495 6.84 17.51 -7.85
N PRO B 496 6.66 16.80 -8.97
CA PRO B 496 5.79 15.62 -8.96
C PRO B 496 6.20 14.59 -7.91
N PHE B 497 7.50 14.29 -7.81
CA PHE B 497 7.99 13.34 -6.82
C PHE B 497 7.72 13.85 -5.40
N SER B 498 8.05 15.12 -5.16
CA SER B 498 7.86 15.68 -3.83
C SER B 498 6.40 15.71 -3.40
N LEU B 499 5.57 16.43 -4.13
CA LEU B 499 4.17 16.55 -3.78
C LEU B 499 3.47 15.19 -3.65
N LYS B 500 3.75 14.27 -4.55
CA LYS B 500 3.14 12.94 -4.44
C LYS B 500 3.66 12.27 -3.16
N GLY B 501 4.94 12.51 -2.86
CA GLY B 501 5.54 11.95 -1.66
C GLY B 501 4.96 12.52 -0.39
N LEU B 502 4.63 13.81 -0.41
CA LEU B 502 4.03 14.47 0.75
C LEU B 502 2.57 14.08 0.96
N LEU B 503 1.73 14.30 -0.05
CA LEU B 503 0.31 14.00 0.07
C LEU B 503 -0.06 12.53 -0.09
N GLY B 504 0.83 11.73 -0.66
CA GLY B 504 0.53 10.32 -0.83
C GLY B 504 0.86 9.53 0.42
N ASN B 505 0.58 10.13 1.56
CA ASN B 505 0.84 9.54 2.87
C ASN B 505 -0.53 9.22 3.48
N PRO B 506 -0.68 8.05 4.12
CA PRO B 506 -1.99 7.74 4.69
C PRO B 506 -2.62 8.77 5.63
N ILE B 507 -1.83 9.53 6.38
CA ILE B 507 -2.44 10.50 7.29
C ILE B 507 -3.17 11.62 6.55
N CYS B 508 -2.90 11.76 5.25
CA CYS B 508 -3.56 12.78 4.46
C CYS B 508 -4.83 12.24 3.81
N SER B 509 -5.21 11.01 4.16
CA SER B 509 -6.41 10.42 3.59
C SER B 509 -7.63 10.80 4.44
N PRO B 510 -8.81 10.78 3.83
CA PRO B 510 -10.04 11.11 4.56
C PRO B 510 -10.17 10.26 5.84
N GLU B 511 -9.85 8.97 5.75
CA GLU B 511 -9.94 8.08 6.91
C GLU B 511 -9.07 8.47 8.09
N TYR B 512 -7.90 9.06 7.81
CA TYR B 512 -6.98 9.45 8.87
C TYR B 512 -7.05 10.92 9.27
N TRP B 513 -7.29 11.79 8.30
CA TRP B 513 -7.31 13.23 8.58
C TRP B 513 -8.47 13.65 9.48
N LYS B 514 -8.45 13.15 10.72
CA LYS B 514 -9.47 13.46 11.71
C LYS B 514 -8.73 13.90 12.97
N ALA B 515 -9.42 14.63 13.84
CA ALA B 515 -8.81 15.07 15.09
C ALA B 515 -8.48 13.85 15.97
N SER B 516 -9.38 12.88 16.04
CA SER B 516 -9.14 11.70 16.88
C SER B 516 -7.83 10.98 16.53
N THR B 517 -7.42 11.06 15.27
CA THR B 517 -6.19 10.42 14.87
C THR B 517 -5.01 11.00 15.64
N PHE B 518 -5.07 12.30 15.94
CA PHE B 518 -3.98 12.95 16.67
C PHE B 518 -4.30 13.25 18.13
N GLY B 519 -5.11 12.39 18.75
CA GLY B 519 -5.47 12.57 20.14
C GLY B 519 -6.41 13.71 20.46
N GLY B 520 -6.97 14.32 19.43
CA GLY B 520 -7.90 15.40 19.67
C GLY B 520 -7.53 16.70 19.00
N GLU B 521 -8.36 17.70 19.26
CA GLU B 521 -8.20 19.03 18.69
C GLU B 521 -6.82 19.63 18.99
N VAL B 522 -6.31 19.39 20.19
CA VAL B 522 -5.01 19.93 20.57
C VAL B 522 -3.93 19.33 19.69
N GLY B 523 -3.96 18.00 19.53
CA GLY B 523 -2.97 17.33 18.71
C GLY B 523 -3.09 17.74 17.26
N PHE B 524 -4.33 17.89 16.78
CA PHE B 524 -4.60 18.27 15.40
C PHE B 524 -4.07 19.67 15.07
N ASN B 525 -4.08 20.56 16.07
CA ASN B 525 -3.58 21.91 15.85
C ASN B 525 -2.06 21.97 15.86
N LEU B 526 -1.41 21.05 16.59
CA LEU B 526 0.04 21.06 16.59
C LEU B 526 0.47 20.86 15.15
N VAL B 527 -0.29 20.04 14.42
CA VAL B 527 -0.01 19.75 13.02
C VAL B 527 -0.39 20.90 12.11
N LYS B 528 -1.63 21.37 12.21
CA LYS B 528 -2.13 22.45 11.35
C LYS B 528 -1.38 23.76 11.47
N THR B 529 -0.76 24.01 12.62
CA THR B 529 -0.02 25.25 12.81
C THR B 529 1.49 25.05 12.98
N ALA B 530 2.00 23.87 12.62
CA ALA B 530 3.44 23.58 12.77
C ALA B 530 4.30 24.63 12.08
N THR B 531 5.49 24.86 12.63
CA THR B 531 6.38 25.89 12.10
C THR B 531 7.85 25.59 12.41
N LEU B 532 8.74 26.00 11.51
CA LEU B 532 10.17 25.76 11.75
C LEU B 532 10.55 26.47 13.04
N LYS B 533 10.16 27.73 13.12
CA LYS B 533 10.46 28.58 14.28
C LYS B 533 9.95 27.93 15.58
N LYS B 534 8.75 27.36 15.54
CA LYS B 534 8.17 26.71 16.71
C LYS B 534 8.85 25.36 16.99
N LEU B 535 9.28 24.70 15.93
CA LEU B 535 9.94 23.41 16.07
C LEU B 535 11.24 23.54 16.84
N VAL B 536 11.93 24.65 16.63
CA VAL B 536 13.20 24.94 17.29
C VAL B 536 12.96 25.59 18.65
N CYS B 537 12.40 26.78 18.60
CA CYS B 537 12.17 27.59 19.79
C CYS B 537 11.28 27.08 20.92
N LEU B 538 10.44 26.08 20.64
CA LEU B 538 9.60 25.52 21.69
C LEU B 538 10.33 24.38 22.40
N ASN B 539 11.56 24.12 21.95
CA ASN B 539 12.38 23.04 22.50
C ASN B 539 13.79 23.52 22.85
N THR B 540 13.99 24.83 22.91
CA THR B 540 15.30 25.40 23.24
C THR B 540 15.14 26.41 24.38
N LYS B 541 16.23 26.75 25.06
CA LYS B 541 16.17 27.72 26.15
C LYS B 541 15.90 29.11 25.59
N THR B 542 16.65 29.50 24.57
CA THR B 542 16.47 30.80 23.96
C THR B 542 16.14 30.64 22.48
N CYS B 543 15.50 31.64 21.91
CA CYS B 543 15.12 31.57 20.50
C CYS B 543 16.07 32.39 19.63
N PRO B 544 16.85 31.70 18.80
CA PRO B 544 17.83 32.34 17.89
C PRO B 544 17.18 32.70 16.57
N TYR B 545 18.00 33.15 15.62
CA TYR B 545 17.46 33.45 14.30
C TYR B 545 17.28 32.09 13.61
N VAL B 546 16.03 31.70 13.39
CA VAL B 546 15.76 30.40 12.76
C VAL B 546 14.93 30.59 11.50
N SER B 547 15.46 30.09 10.39
CA SER B 547 14.82 30.23 9.08
C SER B 547 15.57 29.48 7.96
N PHE B 548 14.88 29.25 6.85
CA PHE B 548 15.46 28.56 5.71
C PHE B 548 16.10 29.59 4.78
N HIS B 549 15.93 30.86 5.13
CA HIS B 549 16.48 31.96 4.35
C HIS B 549 17.50 32.68 5.23
N VAL B 550 18.56 33.18 4.61
CA VAL B 550 19.58 33.92 5.35
C VAL B 550 18.96 35.28 5.72
N PRO B 551 19.41 35.92 6.81
CA PRO B 551 18.80 37.21 7.16
C PRO B 551 19.10 38.29 6.12
C1 NAG C . -24.80 9.80 25.23
C2 NAG C . -26.22 10.07 25.77
C3 NAG C . -26.20 9.86 27.34
C4 NAG C . -25.74 8.40 27.64
C5 NAG C . -24.30 8.21 27.01
C6 NAG C . -23.74 6.80 27.17
C7 NAG C . -27.18 11.72 24.12
C8 NAG C . -27.41 13.17 23.79
N2 NAG C . -26.63 11.43 25.34
O3 NAG C . -27.49 10.12 27.89
O4 NAG C . -25.71 8.13 29.07
O5 NAG C . -24.31 8.49 25.57
O6 NAG C . -24.50 5.90 26.34
O7 NAG C . -27.51 10.88 23.28
C1 NAG D . 4.87 -6.80 13.36
C2 NAG D . 6.40 -6.74 13.25
C3 NAG D . 6.96 -7.91 14.08
C4 NAG D . 6.48 -7.74 15.53
C5 NAG D . 4.91 -7.75 15.55
C6 NAG D . 4.28 -7.54 16.91
C7 NAG D . 7.70 -6.06 11.26
C8 NAG D . 8.19 -6.44 9.90
N2 NAG D . 6.78 -6.83 11.83
O3 NAG D . 8.37 -7.89 14.01
O4 NAG D . 6.99 -8.80 16.31
O5 NAG D . 4.39 -6.67 14.70
O6 NAG D . 4.67 -6.27 17.45
O7 NAG D . 8.17 -5.06 11.81
C1 NAG E . 7.22 -8.35 18.78
C2 NAG E . 7.24 -9.88 19.00
C3 NAG E . 8.10 -10.15 20.29
C4 NAG E . 9.55 -9.59 20.03
C5 NAG E . 9.44 -8.05 19.74
C6 NAG E . 10.75 -7.37 19.39
C7 NAG E . 5.34 -11.20 18.15
C8 NAG E . 3.83 -11.38 18.12
N2 NAG E . 5.86 -10.36 19.08
O3 NAG E . 8.13 -11.55 20.54
O4 NAG E . 10.44 -9.81 21.17
O5 NAG E . 8.54 -7.78 18.62
O6 NAG E . 10.90 -7.29 17.96
O7 NAG E . 6.01 -11.83 17.31
C1 NAG F . -6.89 -44.02 -0.34
C2 NAG F . -7.68 -45.34 -0.40
C3 NAG F . -8.73 -45.33 0.76
C4 NAG F . -8.01 -45.14 2.15
C5 NAG F . -7.24 -43.78 2.10
C6 NAG F . -6.46 -43.46 3.37
C7 NAG F . -8.78 -46.56 -2.34
C8 NAG F . -7.94 -47.36 -3.32
N2 NAG F . -8.24 -45.45 -1.77
O3 NAG F . -9.47 -46.55 0.75
O4 NAG F . -8.94 -45.14 3.25
O5 NAG F . -6.29 -43.74 0.98
O6 NAG F . -5.70 -44.56 3.82
O7 NAG F . -9.92 -46.93 -2.12
C1 BOG G . -26.50 -2.22 -0.23
O1 BOG G . -26.41 -1.83 -1.57
C2 BOG G . -25.60 -1.33 0.69
O2 BOG G . -24.22 -1.39 0.29
C3 BOG G . -25.76 -1.79 2.16
O3 BOG G . -24.94 -0.96 2.99
C4 BOG G . -27.27 -1.69 2.54
O4 BOG G . -27.45 -2.11 3.91
C5 BOG G . -28.09 -2.54 1.66
O5 BOG G . -27.91 -2.16 0.22
C6 BOG G . -29.62 -2.46 1.99
O6 BOG G . -30.14 -1.13 2.12
C1' BOG G . -26.59 -2.83 -2.59
C2' BOG G . -26.44 -2.13 -3.93
C3' BOG G . -27.66 -1.80 -4.46
C4' BOG G . -28.05 -2.74 -5.59
C5' BOG G . -29.12 -2.13 -6.49
C6' BOG G . -30.45 -2.88 -6.40
C7' BOG G . -31.38 -2.31 -7.22
C8' BOG G . -32.69 -3.09 -7.10
C1 BOG H . -32.88 11.92 16.15
O1 BOG H . -34.06 12.44 15.52
C2 BOG H . -32.44 12.83 17.36
O2 BOG H . -32.18 14.18 16.93
C3 BOG H . -31.18 12.20 18.04
O3 BOG H . -30.80 13.04 19.16
C4 BOG H . -31.56 10.73 18.49
O4 BOG H . -30.42 10.13 19.15
C5 BOG H . -31.95 9.91 17.33
O5 BOG H . -33.11 10.52 16.62
C6 BOG H . -32.37 8.46 17.73
O6 BOG H . -33.65 8.39 18.35
C1' BOG H . -34.29 12.24 14.10
C2' BOG H . -35.64 12.86 13.75
C3' BOG H . -36.06 12.46 12.52
C4' BOG H . -37.28 13.28 12.16
C5' BOG H . -37.62 13.24 10.65
C6' BOG H . -37.82 14.65 10.08
C7' BOG H . -38.16 14.66 8.76
C8' BOG H . -38.34 16.08 8.25
CHA HEM I . -9.50 -23.02 9.38
CHB HEM I . -10.27 -27.72 8.79
CHC HEM I . -13.35 -26.77 5.22
CHD HEM I . -12.59 -22.05 5.83
C1A HEM I . -9.45 -24.39 9.55
C2A HEM I . -8.63 -25.09 10.56
C3A HEM I . -8.85 -26.42 10.36
C4A HEM I . -9.81 -26.53 9.28
CMA HEM I . -8.23 -27.59 11.13
CAA HEM I . -7.70 -24.44 11.61
CBA HEM I . -8.40 -24.81 12.94
CGA HEM I . -7.80 -24.37 14.26
O1A HEM I . -6.74 -23.70 14.30
O2A HEM I . -8.44 -24.73 15.29
C1B HEM I . -11.18 -27.90 7.77
C2B HEM I . -11.59 -29.19 7.31
C3B HEM I . -12.49 -28.92 6.27
C4B HEM I . -12.57 -27.45 6.14
CMB HEM I . -11.11 -30.55 7.90
CAB HEM I . -13.26 -29.96 5.42
CBB HEM I . -12.52 -31.22 4.99
C1C HEM I . -13.42 -25.38 5.08
C2C HEM I . -14.27 -24.69 4.08
C3C HEM I . -14.05 -23.37 4.27
C4C HEM I . -13.09 -23.25 5.36
CMC HEM I . -15.18 -25.37 3.04
CAC HEM I . -14.78 -22.23 3.53
CBC HEM I . -13.98 -21.18 2.79
C1D HEM I . -11.67 -21.90 6.83
C2D HEM I . -11.16 -20.60 7.27
C3D HEM I . -10.28 -20.89 8.27
C4D HEM I . -10.28 -22.34 8.43
CMD HEM I . -11.54 -19.22 6.68
CAD HEM I . -9.41 -19.91 9.06
CBD HEM I . -8.17 -19.48 8.27
CGD HEM I . -6.96 -19.10 9.08
O1D HEM I . -7.07 -18.25 9.98
O2D HEM I . -5.85 -19.64 8.81
NA HEM I . -10.18 -25.29 8.79
NB HEM I . -11.75 -26.82 7.07
NC HEM I . -12.72 -24.49 5.85
ND HEM I . -11.12 -22.95 7.55
FE HEM I . -11.46 -24.90 7.35
CL1 34C J . -23.81 -13.13 -0.94
C1 34C J . -22.84 -11.90 -1.64
C2 34C J . -23.45 -10.98 -2.46
C3 34C J . -22.71 -9.95 -3.06
C4 34C J . -21.32 -9.89 -2.79
C5 34C J . -20.68 -10.80 -1.97
C6 34C J . -21.43 -11.83 -1.36
C7 34C J . -23.36 -8.97 -3.92
C8 34C J . -23.88 -7.65 -3.19
C9 34C J . -19.48 -12.71 -0.23
C10 34C J . -19.15 -13.77 0.68
C11 34C J . -18.26 -13.72 1.64
O1 34C J . -20.90 -12.76 -0.53
O2 34C J . -23.28 -6.65 -3.09
O3 34C J . -25.03 -7.65 -2.65
C1 NAG K . 7.76 5.41 -35.41
C2 NAG K . 7.76 6.13 -36.77
C3 NAG K . 8.91 5.51 -37.66
C4 NAG K . 10.27 5.71 -36.91
C5 NAG K . 10.15 4.98 -35.52
C6 NAG K . 11.37 5.12 -34.64
C7 NAG K . 5.43 6.93 -37.24
C8 NAG K . 4.13 6.68 -37.96
N2 NAG K . 6.41 5.99 -37.36
O3 NAG K . 8.95 6.16 -38.93
O4 NAG K . 11.39 5.19 -37.69
O5 NAG K . 9.02 5.49 -34.74
O6 NAG K . 11.27 6.34 -33.88
O7 NAG K . 5.54 7.96 -36.55
C1 NAG L . 12.99 -8.51 -2.85
C2 NAG L . 12.90 -9.63 -1.80
C3 NAG L . 14.33 -9.93 -1.30
C4 NAG L . 15.19 -10.31 -2.51
C5 NAG L . 15.19 -9.11 -3.55
C6 NAG L . 15.98 -9.35 -4.82
C7 NAG L . 11.07 -10.00 -0.16
C8 NAG L . 10.61 -9.69 1.25
N2 NAG L . 12.01 -9.21 -0.71
O3 NAG L . 14.29 -10.98 -0.35
O4 NAG L . 16.51 -10.61 -2.08
O5 NAG L . 13.83 -8.79 -3.96
O6 NAG L . 15.17 -10.01 -5.81
O7 NAG L . 10.55 -10.94 -0.75
C1 NAG M . 17.40 -12.31 -3.67
C2 NAG M . 18.85 -12.10 -3.26
C3 NAG M . 19.62 -13.39 -3.72
C4 NAG M . 18.99 -14.63 -3.00
C5 NAG M . 17.47 -14.69 -3.42
C6 NAG M . 16.67 -15.81 -2.76
C7 NAG M . 19.63 -9.73 -3.18
C8 NAG M . 20.29 -8.60 -3.93
N2 NAG M . 19.33 -10.86 -3.88
O3 NAG M . 21.00 -13.24 -3.37
O4 NAG M . 19.68 -15.86 -3.38
O5 NAG M . 16.79 -13.46 -3.09
O6 NAG M . 16.06 -15.31 -1.54
O7 NAG M . 19.40 -9.57 -1.97
C1 NAG N . 35.90 19.57 17.93
C2 NAG N . 37.07 20.56 18.08
C3 NAG N . 37.70 20.81 16.66
C4 NAG N . 38.19 19.43 16.06
C5 NAG N . 36.96 18.48 15.96
C6 NAG N . 37.28 17.08 15.43
C7 NAG N . 37.27 22.59 19.52
C8 NAG N . 37.16 22.45 21.03
N2 NAG N . 36.54 21.77 18.73
O3 NAG N . 38.80 21.73 16.77
O4 NAG N . 38.79 19.58 14.76
O5 NAG N . 36.30 18.33 17.27
O6 NAG N . 38.61 16.66 15.79
O7 NAG N . 38.00 23.47 19.06
C1 BOG O . 2.71 22.29 -14.00
O1 BOG O . 1.62 22.71 -13.21
C2 BOG O . 2.55 20.80 -14.46
O2 BOG O . 2.41 19.92 -13.35
C3 BOG O . 3.76 20.40 -15.33
O3 BOG O . 3.61 19.05 -15.75
C4 BOG O . 3.84 21.37 -16.55
O4 BOG O . 4.95 21.03 -17.39
C5 BOG O . 3.99 22.76 -16.09
O5 BOG O . 2.86 23.17 -15.19
C6 BOG O . 4.05 23.78 -17.26
O6 BOG O . 2.97 23.66 -18.21
C1' BOG O . 1.86 23.72 -12.19
C2' BOG O . 0.54 24.01 -11.48
C3' BOG O . -0.15 25.05 -12.08
C4' BOG O . -0.25 26.25 -11.15
C5' BOG O . -1.25 27.30 -11.68
C6' BOG O . -0.65 28.69 -11.70
C7' BOG O . -1.54 29.61 -12.17
C8' BOG O . -0.91 30.99 -12.19
CHA HEM P . 24.63 10.36 -0.33
CHB HEM P . 28.09 12.69 1.99
CHC HEM P . 25.35 16.63 2.13
CHD HEM P . 21.86 14.27 -0.24
C1A HEM P . 25.83 10.65 0.27
C2A HEM P . 26.94 9.72 0.42
C3A HEM P . 27.91 10.39 1.09
C4A HEM P . 27.40 11.73 1.33
CMA HEM P . 29.29 9.85 1.51
CAA HEM P . 26.99 8.27 -0.07
CBA HEM P . 28.04 8.28 -1.19
CGA HEM P . 28.33 6.97 -1.89
O1A HEM P . 27.73 5.92 -1.56
O2A HEM P . 29.21 7.02 -2.79
C1B HEM P . 27.66 13.97 2.25
C2B HEM P . 28.45 14.92 2.98
C3B HEM P . 27.65 16.09 3.02
C4B HEM P . 26.40 15.76 2.31
CMB HEM P . 29.87 14.64 3.55
CAB HEM P . 27.98 17.46 3.68
CBB HEM P . 29.25 17.62 4.50
C1C HEM P . 24.15 16.34 1.48
C2C HEM P . 23.06 17.29 1.33
C3C HEM P . 22.08 16.63 0.65
C4C HEM P . 22.58 15.27 0.41
CMC HEM P . 23.05 18.75 1.83
CAC HEM P . 20.75 17.24 0.16
CBC HEM P . 19.45 16.70 0.70
C1D HEM P . 22.30 12.99 -0.46
C2D HEM P . 21.50 11.95 -1.10
C3D HEM P . 22.30 10.84 -1.09
C4D HEM P . 23.55 11.22 -0.50
CMD HEM P . 20.06 12.08 -1.62
CAD HEM P . 21.97 9.44 -1.62
CBD HEM P . 21.14 8.67 -0.58
CGD HEM P . 21.10 7.18 -0.72
O1D HEM P . 20.98 6.68 -1.86
O2D HEM P . 21.16 6.47 0.32
NA HEM P . 26.12 11.88 0.81
NB HEM P . 26.41 14.45 1.83
NC HEM P . 23.85 15.10 0.90
ND HEM P . 23.55 12.53 -0.09
FE HEM P . 25.00 13.47 0.84
CL1 34C Q . 11.08 24.08 -6.65
C1 34C Q . 9.66 23.21 -6.29
C2 34C Q . 8.46 23.81 -6.52
C3 34C Q . 7.26 23.14 -6.24
C4 34C Q . 7.33 21.83 -5.72
C5 34C Q . 8.53 21.20 -5.48
C6 34C Q . 9.74 21.87 -5.78
C7 34C Q . 5.97 23.77 -6.51
C8 34C Q . 5.34 23.42 -7.92
C9 34C Q . 11.09 20.00 -5.09
C10 34C Q . 12.47 19.68 -5.05
C11 34C Q . 13.20 19.34 -6.09
O1 34C Q . 10.96 21.35 -5.61
O2 34C Q . 4.67 22.50 -8.18
O3 34C Q . 5.58 24.19 -8.92
#